data_3AE8
#
_entry.id   3AE8
#
_cell.length_a   71.655
_cell.length_b   83.994
_cell.length_c   295.317
_cell.angle_alpha   90.000
_cell.angle_beta   90.000
_cell.angle_gamma   90.000
#
_symmetry.space_group_name_H-M   'P 21 21 21'
#
loop_
_entity.id
_entity.type
_entity.pdbx_description
1 polymer 'Succinate dehydrogenase [ubiquinone] flavoprotein subunit, mitochondrial'
2 polymer 'Succinate dehydrogenase [ubiquinone] iron-sulfur subunit, mitochondrial'
3 polymer 'Succinate dehydrogenase cytochrome b560 subunit, mitochondrial'
4 polymer 'Succinate dehydrogenase [ubiquinone] cytochrome b small subunit, mitochondrial'
5 non-polymer 'FLAVIN-ADENINE DINUCLEOTIDE'
6 non-polymer 'FE2/S2 (INORGANIC) CLUSTER'
7 non-polymer 'IRON/SULFUR CLUSTER'
8 non-polymer 'FE3-S4 CLUSTER'
9 non-polymer N-[3-(1-methylethoxy)phenyl]-2-(trifluoromethyl)benzamide
10 non-polymer 'PROTOPORPHYRIN IX CONTAINING FE'
11 non-polymer L-ALPHA-PHOSPHATIDYL-BETA-OLEOYL-GAMMA-PALMITOYL-PHOSPHATIDYLETHANOLAMINE
#
loop_
_entity_poly.entity_id
_entity_poly.type
_entity_poly.pdbx_seq_one_letter_code
_entity_poly.pdbx_strand_id
1 'polypeptide(L)'
;SSAKVSDAISTQYPVVDHEFDAVVVGAGGAGLRAAFGLSEAGFNTACVTKLFPTRSHTVAAQGGINAALGNMEEDNWRWH
FYDTVKGSDWLGDQDAIHYMTEQAPASVVELENYGMPFSRTEDGKIYQRAFGGQSLKFGKGGQAHRCCCVADRTGHSLLH
TLYGRSLRYDTSYFVEYFALDLLMENGECRGVIALCIEDGSIHRIRARNTVVATGGYGRTYFSCTSAHTSTGDGTAMVTR
AGLPCQDLEFVQFHPTGIYGAGCLITEGCRGEGGILINSQGERFMERYAPVAKDLASRDVVSRSMTLEIREGRGCGPEKD
HVYLQLHHLPPEQLAVRLPGISETAMIFAGVDVTKEPIPVLPTVHYNMGGIPTNYKGQVLRHVNGQDQVVPGLYACGEAA
CASVHGANRLGANSLLDLVVFGRACALSIAESCRPGDKVPSIKPNAGEESVMNLDKLRFANGTIRTSELRLSMQKSMQSH
AAVFRVGSVLQEGCEKILRLYGDLQHLKTFDRGMVWNTDLVETLELQNLMLCALQTIYGAEARKESRGAHAREDFKERVD
EYDYSKPIQGQQKKPFQEHWRKHTLSYVDVKTGKVSLEYRPVIDKTLNEADCATVPPAIRSY
;
A
2 'polypeptide(L)'
;AQTAAATAPRIKKFAIYRWDPDKTGDKPHMQTYEIDLNNCGPMVLDALIKIKNEIDSTLTFRRSCREGICGSCAMNINGG
NTLACTRRIDTNLDKVSKIYPLPHMYVIKDLVPDLSNFYAQYKSIEPYLKKKDESQEGKQQYLQSIEEREKLDGLYECIL
CACCSTSCPSYWWNGDKYLGPAVLMQAYRWMIDSRDDFTEERLAKLQDPFSLYRCHTIMNCTGTCPKGLNPGKAIAEIKK
MMATYKEKKASA
;
B
3 'polypeptide(L)'
;LGTTAKEEMERFWNKNLGSNRPLSPHITIYRWSLPMAMSICHRGTGIALSAGVSLFGLSALLLPGNFESHLELVKSLCLG
PTLIYTAKFGIVFPLMYHTWNGIRHLIWDLGKGLTIPQLTQSGVVVLILTVLSSVGLAAM
;
C
4 'polypeptide(L)'
;ASSKAASLHWTGERVVSVLLLGLLPAAYLNPCSAMDYSLAAALTLHGHWGIGQVVTDYVRGDALQKAAKAGLLALSAFTF
AGLCYFNYHDVGICKAVAMLWKL
;
D
#
# COMPACT_ATOMS: atom_id res chain seq x y z
N SER A 10 35.28 13.55 2.01
CA SER A 10 36.42 12.68 2.43
C SER A 10 36.35 12.36 3.92
N THR A 11 36.47 11.07 4.24
CA THR A 11 36.51 10.56 5.63
C THR A 11 35.24 10.85 6.45
N GLN A 12 34.30 11.58 5.84
CA GLN A 12 33.04 11.94 6.51
C GLN A 12 31.98 10.86 6.33
N TYR A 13 31.91 10.28 5.12
CA TYR A 13 30.89 9.30 4.79
C TYR A 13 31.51 7.90 4.58
N PRO A 14 30.82 6.86 5.07
CA PRO A 14 31.29 5.49 4.85
C PRO A 14 30.77 4.90 3.54
N VAL A 15 31.69 4.58 2.64
CA VAL A 15 31.34 3.99 1.35
C VAL A 15 31.37 2.46 1.40
N VAL A 16 30.20 1.85 1.18
CA VAL A 16 30.07 0.40 1.19
C VAL A 16 29.77 -0.11 -0.22
N ASP A 17 30.77 -0.73 -0.85
CA ASP A 17 30.66 -1.22 -2.22
C ASP A 17 30.01 -2.59 -2.28
N HIS A 18 28.94 -2.69 -3.08
CA HIS A 18 28.23 -3.95 -3.30
C HIS A 18 28.43 -4.42 -4.74
N GLU A 19 28.65 -5.72 -4.91
CA GLU A 19 28.88 -6.29 -6.24
C GLU A 19 27.74 -7.23 -6.64
N PHE A 20 27.09 -6.92 -7.77
CA PHE A 20 25.95 -7.70 -8.27
C PHE A 20 26.01 -7.91 -9.78
N ASP A 21 25.07 -8.70 -10.30
CA ASP A 21 24.94 -8.93 -11.74
C ASP A 21 24.08 -7.87 -12.41
N ALA A 22 22.99 -7.49 -11.75
CA ALA A 22 22.06 -6.49 -12.28
C ALA A 22 21.41 -5.65 -11.17
N VAL A 23 21.36 -4.34 -11.40
CA VAL A 23 20.73 -3.40 -10.46
C VAL A 23 19.47 -2.79 -11.08
N VAL A 24 18.36 -2.91 -10.38
CA VAL A 24 17.09 -2.35 -10.83
C VAL A 24 16.69 -1.20 -9.90
N VAL A 25 16.84 0.02 -10.40
CA VAL A 25 16.47 1.23 -9.66
C VAL A 25 14.97 1.47 -9.82
N GLY A 26 14.24 1.33 -8.71
CA GLY A 26 12.79 1.45 -8.74
C GLY A 26 12.12 0.12 -8.48
N ALA A 27 11.16 0.11 -7.56
CA ALA A 27 10.44 -1.10 -7.19
C ALA A 27 8.93 -0.96 -7.40
N GLY A 28 8.54 -0.38 -8.53
CA GLY A 28 7.14 -0.25 -8.89
C GLY A 28 6.63 -1.47 -9.63
N GLY A 29 5.84 -1.25 -10.66
CA GLY A 29 5.35 -2.33 -11.52
C GLY A 29 6.46 -2.86 -12.40
N ALA A 30 6.98 -1.98 -13.26
CA ALA A 30 8.06 -2.31 -14.18
C ALA A 30 9.33 -2.71 -13.44
N GLY A 31 9.56 -2.09 -12.28
CA GLY A 31 10.73 -2.36 -11.45
C GLY A 31 10.77 -3.79 -10.93
N LEU A 32 9.67 -4.21 -10.31
CA LEU A 32 9.54 -5.57 -9.76
C LEU A 32 9.64 -6.65 -10.85
N ARG A 33 8.91 -6.44 -11.94
CA ARG A 33 8.90 -7.39 -13.06
C ARG A 33 10.30 -7.59 -13.64
N ALA A 34 11.06 -6.50 -13.73
CA ALA A 34 12.45 -6.55 -14.16
C ALA A 34 13.33 -7.19 -13.10
N ALA A 35 13.09 -6.84 -11.84
CA ALA A 35 13.89 -7.32 -10.71
C ALA A 35 13.80 -8.84 -10.53
N PHE A 36 12.59 -9.33 -10.27
CA PHE A 36 12.37 -10.76 -10.01
C PHE A 36 12.56 -11.63 -11.26
N GLY A 37 12.28 -11.04 -12.43
CA GLY A 37 12.45 -11.72 -13.71
C GLY A 37 13.91 -12.05 -14.04
N LEU A 38 14.81 -11.20 -13.54
CA LEU A 38 16.25 -11.41 -13.72
C LEU A 38 16.78 -12.54 -12.84
N SER A 39 16.30 -12.62 -11.60
CA SER A 39 16.66 -13.70 -10.69
C SER A 39 15.97 -15.02 -11.08
N GLU A 40 14.77 -14.89 -11.64
CA GLU A 40 14.03 -16.01 -12.21
C GLU A 40 14.78 -16.58 -13.44
N ALA A 41 15.49 -15.70 -14.13
CA ALA A 41 16.39 -16.10 -15.22
C ALA A 41 17.71 -16.66 -14.69
N GLY A 42 18.12 -16.23 -13.50
CA GLY A 42 19.29 -16.76 -12.82
C GLY A 42 20.40 -15.78 -12.51
N PHE A 43 20.06 -14.49 -12.47
CA PHE A 43 21.03 -13.43 -12.19
C PHE A 43 21.01 -13.00 -10.73
N ASN A 44 22.18 -12.61 -10.22
CA ASN A 44 22.28 -12.02 -8.89
C ASN A 44 21.79 -10.57 -8.92
N THR A 45 20.51 -10.39 -8.67
CA THR A 45 19.83 -9.12 -8.91
C THR A 45 19.60 -8.32 -7.63
N ALA A 46 20.03 -7.06 -7.65
CA ALA A 46 19.77 -6.12 -6.55
C ALA A 46 18.74 -5.08 -6.97
N CYS A 47 17.79 -4.79 -6.09
CA CYS A 47 16.74 -3.81 -6.35
C CYS A 47 16.83 -2.64 -5.38
N VAL A 48 17.05 -1.45 -5.92
CA VAL A 48 17.18 -0.23 -5.12
C VAL A 48 15.91 0.60 -5.20
N THR A 49 15.38 0.97 -4.04
CA THR A 49 14.13 1.72 -3.95
C THR A 49 14.09 2.67 -2.75
N LYS A 50 13.57 3.87 -2.95
CA LYS A 50 13.48 4.88 -1.88
C LYS A 50 12.26 4.67 -0.98
N LEU A 51 11.27 3.95 -1.51
CA LEU A 51 10.09 3.58 -0.75
C LEU A 51 10.02 2.07 -0.63
N PHE A 52 9.13 1.57 0.23
CA PHE A 52 8.83 0.15 0.28
C PHE A 52 8.04 -0.22 -0.99
N PRO A 53 8.40 -1.34 -1.66
CA PRO A 53 7.80 -1.78 -2.91
C PRO A 53 6.28 -1.61 -3.04
N THR A 54 5.54 -1.80 -1.94
CA THR A 54 4.08 -1.65 -1.93
C THR A 54 3.67 -0.18 -2.02
N ARG A 55 4.45 0.71 -1.38
CA ARG A 55 4.14 2.13 -1.35
C ARG A 55 4.34 2.82 -2.70
N SER A 56 4.89 2.07 -3.67
CA SER A 56 5.08 2.54 -5.04
C SER A 56 3.75 3.02 -5.62
N HIS A 57 3.81 3.92 -6.59
CA HIS A 57 2.61 4.58 -7.09
C HIS A 57 1.77 3.78 -8.05
N THR A 58 2.18 2.57 -8.36
CA THR A 58 1.35 1.64 -9.13
C THR A 58 0.07 1.20 -8.40
N VAL A 59 0.07 1.23 -7.07
CA VAL A 59 -1.12 0.91 -6.28
C VAL A 59 -2.30 1.84 -6.57
N ALA A 60 -1.98 3.09 -6.89
CA ALA A 60 -3.00 4.11 -7.16
C ALA A 60 -3.77 3.84 -8.45
N ALA A 61 -3.23 2.97 -9.30
CA ALA A 61 -3.88 2.59 -10.56
C ALA A 61 -5.22 1.90 -10.30
N GLN A 62 -6.25 2.39 -10.96
CA GLN A 62 -7.63 1.96 -10.70
C GLN A 62 -8.33 1.39 -11.93
N GLY A 63 -8.06 1.97 -13.09
CA GLY A 63 -8.70 1.58 -14.35
C GLY A 63 -8.55 0.12 -14.71
N GLY A 64 -7.37 -0.25 -15.20
CA GLY A 64 -7.10 -1.63 -15.57
C GLY A 64 -5.86 -1.84 -16.40
N ILE A 65 -5.74 -3.03 -16.98
CA ILE A 65 -4.59 -3.42 -17.78
C ILE A 65 -5.05 -4.02 -19.11
N ASN A 66 -4.60 -3.43 -20.21
CA ASN A 66 -5.09 -3.80 -21.55
C ASN A 66 -4.49 -5.09 -22.12
N ALA A 67 -5.38 -6.00 -22.52
CA ALA A 67 -4.99 -7.25 -23.17
C ALA A 67 -6.11 -7.77 -24.07
N ALA A 68 -5.76 -8.09 -25.31
CA ALA A 68 -6.73 -8.62 -26.27
C ALA A 68 -6.88 -10.14 -26.12
N LEU A 69 -7.38 -10.56 -24.97
CA LEU A 69 -7.60 -11.97 -24.67
C LEU A 69 -8.86 -12.48 -25.37
N GLY A 70 -9.87 -11.63 -25.46
CA GLY A 70 -11.13 -11.98 -26.11
C GLY A 70 -12.03 -12.81 -25.23
N ASN A 71 -12.57 -12.18 -24.19
CA ASN A 71 -13.50 -12.85 -23.27
C ASN A 71 -14.92 -12.31 -23.37
N MET A 72 -15.06 -11.01 -23.56
CA MET A 72 -16.36 -10.37 -23.74
C MET A 72 -16.87 -10.62 -25.16
N GLU A 73 -16.02 -10.33 -26.14
CA GLU A 73 -16.26 -10.68 -27.54
C GLU A 73 -14.97 -11.22 -28.15
N GLU A 74 -15.02 -11.68 -29.39
CA GLU A 74 -13.81 -12.14 -30.08
C GLU A 74 -12.90 -10.95 -30.43
N ASP A 75 -11.61 -11.11 -30.18
CA ASP A 75 -10.67 -9.99 -30.24
C ASP A 75 -9.36 -10.36 -30.95
N ASN A 76 -8.67 -9.33 -31.45
CA ASN A 76 -7.36 -9.47 -32.09
C ASN A 76 -6.40 -8.41 -31.55
N TRP A 77 -5.18 -8.84 -31.20
CA TRP A 77 -4.16 -7.94 -30.66
C TRP A 77 -3.68 -6.92 -31.68
N ARG A 78 -3.87 -7.24 -32.97
CA ARG A 78 -3.48 -6.35 -34.05
C ARG A 78 -4.37 -5.11 -34.11
N TRP A 79 -5.58 -5.21 -33.57
CA TRP A 79 -6.48 -4.07 -33.44
C TRP A 79 -6.02 -3.17 -32.28
N HIS A 80 -5.47 -3.80 -31.24
CA HIS A 80 -4.92 -3.09 -30.09
C HIS A 80 -3.65 -2.33 -30.47
N PHE A 81 -2.93 -2.85 -31.47
CA PHE A 81 -1.80 -2.14 -32.07
C PHE A 81 -2.27 -0.85 -32.73
N TYR A 82 -3.34 -0.96 -33.52
CA TYR A 82 -3.91 0.17 -34.26
C TYR A 82 -4.40 1.28 -33.33
N ASP A 83 -5.03 0.90 -32.22
CA ASP A 83 -5.60 1.85 -31.26
C ASP A 83 -4.52 2.64 -30.53
N THR A 84 -3.38 1.99 -30.28
CA THR A 84 -2.27 2.60 -29.56
C THR A 84 -1.50 3.57 -30.47
N VAL A 85 -1.23 3.14 -31.70
CA VAL A 85 -0.48 3.96 -32.66
C VAL A 85 -1.30 5.17 -33.13
N LYS A 86 -2.62 4.99 -33.27
CA LYS A 86 -3.53 6.09 -33.59
C LYS A 86 -3.58 7.06 -32.41
N GLY A 87 -3.62 6.51 -31.20
CA GLY A 87 -3.59 7.28 -29.97
C GLY A 87 -2.30 8.05 -29.78
N SER A 88 -1.20 7.48 -30.27
CA SER A 88 0.12 8.10 -30.15
C SER A 88 0.31 9.31 -31.07
N ASP A 89 -0.72 9.62 -31.84
CA ASP A 89 -0.71 10.72 -32.83
C ASP A 89 0.44 10.58 -33.83
N TRP A 90 0.82 9.32 -34.09
CA TRP A 90 1.93 8.95 -34.97
C TRP A 90 3.29 9.55 -34.58
N LEU A 91 3.52 9.64 -33.28
CA LEU A 91 4.82 9.97 -32.72
C LEU A 91 5.39 8.72 -32.04
N GLY A 92 4.52 7.75 -31.76
CA GLY A 92 4.91 6.51 -31.13
C GLY A 92 5.69 5.57 -32.03
N ASP A 93 6.76 5.00 -31.50
CA ASP A 93 7.59 4.04 -32.23
C ASP A 93 6.87 2.71 -32.39
N GLN A 94 6.56 2.37 -33.64
CA GLN A 94 5.67 1.24 -33.95
C GLN A 94 6.28 -0.15 -33.69
N ASP A 95 7.61 -0.21 -33.62
CA ASP A 95 8.29 -1.46 -33.29
C ASP A 95 8.09 -1.83 -31.82
N ALA A 96 8.03 -0.80 -30.97
CA ALA A 96 7.80 -0.97 -29.54
C ALA A 96 6.33 -1.29 -29.25
N ILE A 97 5.43 -0.72 -30.05
CA ILE A 97 4.00 -0.98 -29.94
C ILE A 97 3.67 -2.40 -30.40
N HIS A 98 4.38 -2.87 -31.44
CA HIS A 98 4.27 -4.23 -31.92
C HIS A 98 4.56 -5.23 -30.81
N TYR A 99 5.70 -5.05 -30.14
CA TYR A 99 6.15 -5.95 -29.08
C TYR A 99 5.21 -5.92 -27.86
N MET A 100 4.67 -4.75 -27.55
CA MET A 100 3.80 -4.58 -26.39
C MET A 100 2.44 -5.27 -26.59
N THR A 101 1.85 -5.07 -27.76
CA THR A 101 0.52 -5.58 -28.06
C THR A 101 0.48 -7.08 -28.37
N GLU A 102 1.55 -7.60 -28.95
CA GLU A 102 1.62 -9.01 -29.32
C GLU A 102 1.68 -9.94 -28.11
N GLN A 103 2.55 -9.63 -27.16
CA GLN A 103 2.64 -10.43 -25.94
C GLN A 103 1.89 -9.77 -24.77
N ALA A 104 0.90 -8.95 -25.13
CA ALA A 104 -0.03 -8.38 -24.16
C ALA A 104 -0.93 -9.45 -23.52
N PRO A 105 -1.53 -10.35 -24.34
CA PRO A 105 -2.32 -11.43 -23.74
C PRO A 105 -1.46 -12.45 -22.98
N ALA A 106 -0.23 -12.65 -23.44
CA ALA A 106 0.69 -13.59 -22.82
C ALA A 106 1.19 -13.11 -21.45
N SER A 107 1.34 -11.80 -21.31
CA SER A 107 1.90 -11.21 -20.09
C SER A 107 0.85 -10.92 -19.01
N VAL A 108 -0.42 -10.88 -19.40
CA VAL A 108 -1.53 -10.71 -18.47
C VAL A 108 -1.93 -12.05 -17.86
N VAL A 109 -2.02 -13.07 -18.71
CA VAL A 109 -2.21 -14.45 -18.27
C VAL A 109 -1.11 -14.82 -17.27
N GLU A 110 0.11 -14.38 -17.57
CA GLU A 110 1.26 -14.52 -16.69
C GLU A 110 0.99 -14.00 -15.28
N LEU A 111 0.34 -12.83 -15.19
CA LEU A 111 0.02 -12.20 -13.92
C LEU A 111 -1.11 -12.91 -13.17
N GLU A 112 -2.11 -13.35 -13.92
CA GLU A 112 -3.23 -14.11 -13.36
C GLU A 112 -2.73 -15.43 -12.79
N ASN A 113 -1.77 -16.04 -13.48
CA ASN A 113 -1.14 -17.28 -13.03
C ASN A 113 -0.24 -17.10 -11.80
N TYR A 114 0.22 -15.86 -11.59
CA TYR A 114 0.97 -15.52 -10.38
C TYR A 114 0.07 -15.46 -9.15
N GLY A 115 -1.21 -15.14 -9.36
CA GLY A 115 -2.19 -15.11 -8.29
C GLY A 115 -3.09 -13.88 -8.25
N MET A 116 -3.03 -13.08 -9.29
CA MET A 116 -3.80 -11.84 -9.37
C MET A 116 -5.30 -12.12 -9.44
N PRO A 117 -6.06 -11.65 -8.43
CA PRO A 117 -7.49 -11.95 -8.31
C PRO A 117 -8.35 -11.11 -9.25
N PHE A 118 -8.16 -11.32 -10.56
CA PHE A 118 -8.94 -10.62 -11.58
C PHE A 118 -10.44 -10.83 -11.41
N SER A 119 -11.22 -9.80 -11.70
CA SER A 119 -12.67 -9.90 -11.72
C SER A 119 -13.09 -10.90 -12.80
N ARG A 120 -14.22 -11.57 -12.58
CA ARG A 120 -14.60 -12.69 -13.42
C ARG A 120 -15.96 -12.53 -14.10
N THR A 121 -16.25 -13.44 -15.03
CA THR A 121 -17.55 -13.51 -15.71
C THR A 121 -18.18 -14.88 -15.52
N GLU A 122 -19.23 -15.17 -16.28
CA GLU A 122 -19.94 -16.45 -16.19
C GLU A 122 -19.09 -17.59 -16.78
N ASP A 123 -18.25 -17.25 -17.76
CA ASP A 123 -17.34 -18.22 -18.38
C ASP A 123 -16.21 -18.62 -17.43
N GLY A 124 -15.86 -17.71 -16.52
CA GLY A 124 -14.81 -17.96 -15.53
C GLY A 124 -13.52 -17.24 -15.82
N LYS A 125 -13.45 -16.60 -17.00
CA LYS A 125 -12.24 -15.92 -17.45
C LYS A 125 -12.17 -14.47 -16.94
N ILE A 126 -11.06 -13.80 -17.25
CA ILE A 126 -10.80 -12.43 -16.79
C ILE A 126 -11.78 -11.43 -17.39
N TYR A 127 -12.34 -10.58 -16.52
CA TYR A 127 -13.28 -9.53 -16.92
C TYR A 127 -12.57 -8.40 -17.65
N GLN A 128 -13.00 -8.16 -18.90
CA GLN A 128 -12.52 -7.04 -19.71
C GLN A 128 -13.61 -5.97 -19.81
N ARG A 129 -13.20 -4.73 -20.03
CA ARG A 129 -14.16 -3.62 -20.11
C ARG A 129 -13.77 -2.58 -21.16
N ALA A 130 -14.74 -1.73 -21.53
CA ALA A 130 -14.51 -0.64 -22.47
C ALA A 130 -13.69 0.47 -21.82
N PHE A 131 -12.82 1.10 -22.61
CA PHE A 131 -11.96 2.16 -22.13
C PHE A 131 -11.75 3.22 -23.22
N GLY A 132 -11.19 4.36 -22.82
CA GLY A 132 -11.04 5.51 -23.72
C GLY A 132 -10.13 5.32 -24.91
N GLY A 133 -10.74 5.30 -26.10
CA GLY A 133 -10.00 5.28 -27.37
C GLY A 133 -9.73 3.90 -27.97
N GLN A 134 -10.43 2.89 -27.49
CA GLN A 134 -10.25 1.51 -27.97
C GLN A 134 -11.37 1.06 -28.90
N SER A 135 -11.00 0.41 -30.01
CA SER A 135 -11.94 0.04 -31.05
C SER A 135 -11.60 -1.29 -31.75
N LEU A 136 -12.64 -2.02 -32.12
CA LEU A 136 -12.49 -3.30 -32.83
C LEU A 136 -12.33 -3.09 -34.33
N LYS A 137 -11.90 -4.15 -35.03
CA LYS A 137 -11.76 -4.16 -36.50
C LYS A 137 -11.08 -2.93 -37.07
N PHE A 138 -9.93 -2.59 -36.51
CA PHE A 138 -9.10 -1.44 -36.94
C PHE A 138 -9.86 -0.11 -36.97
N GLY A 139 -10.63 0.14 -35.91
CA GLY A 139 -11.34 1.42 -35.77
C GLY A 139 -12.75 1.46 -36.34
N LYS A 140 -13.01 0.61 -37.33
CA LYS A 140 -14.30 0.57 -38.01
C LYS A 140 -15.35 -0.22 -37.25
N GLY A 141 -14.91 -1.21 -36.47
CA GLY A 141 -15.81 -2.15 -35.80
C GLY A 141 -16.55 -1.63 -34.57
N GLY A 142 -16.22 -0.43 -34.12
CA GLY A 142 -16.88 0.18 -32.96
C GLY A 142 -16.17 -0.07 -31.65
N GLN A 143 -16.92 0.04 -30.55
CA GLN A 143 -16.37 -0.08 -29.19
C GLN A 143 -15.74 -1.44 -28.90
N ALA A 144 -14.59 -1.41 -28.22
CA ALA A 144 -13.85 -2.62 -27.85
C ALA A 144 -13.77 -2.81 -26.35
N HIS A 145 -13.79 -4.08 -25.92
CA HIS A 145 -13.70 -4.44 -24.51
C HIS A 145 -12.47 -5.31 -24.25
N ARG A 146 -11.35 -4.68 -23.93
CA ARG A 146 -10.10 -5.39 -23.67
C ARG A 146 -9.29 -4.85 -22.48
N CYS A 147 -9.98 -4.18 -21.56
CA CYS A 147 -9.35 -3.67 -20.35
C CYS A 147 -9.57 -4.60 -19.16
N CYS A 148 -8.58 -5.45 -18.90
CA CYS A 148 -8.62 -6.41 -17.79
C CYS A 148 -8.51 -5.68 -16.46
N CYS A 149 -9.47 -5.91 -15.56
CA CYS A 149 -9.53 -5.17 -14.31
C CYS A 149 -9.80 -6.05 -13.08
N VAL A 150 -9.20 -5.65 -11.96
CA VAL A 150 -9.46 -6.26 -10.67
C VAL A 150 -10.38 -5.33 -9.88
N ALA A 151 -11.63 -5.25 -10.33
CA ALA A 151 -12.68 -4.44 -9.69
C ALA A 151 -12.19 -3.09 -9.16
N ASP A 152 -11.70 -2.24 -10.07
CA ASP A 152 -11.29 -0.86 -9.76
C ASP A 152 -10.04 -0.75 -8.86
N ARG A 153 -9.47 -1.89 -8.47
CA ARG A 153 -8.25 -1.92 -7.66
C ARG A 153 -7.18 -2.75 -8.36
N THR A 154 -7.02 -2.52 -9.66
CA THR A 154 -6.19 -3.37 -10.52
C THR A 154 -4.71 -3.16 -10.29
N GLY A 155 -4.29 -1.89 -10.21
CA GLY A 155 -2.89 -1.54 -10.00
C GLY A 155 -2.37 -1.92 -8.63
N HIS A 156 -3.23 -1.77 -7.62
CA HIS A 156 -2.92 -2.20 -6.26
C HIS A 156 -2.72 -3.71 -6.19
N SER A 157 -3.62 -4.45 -6.82
CA SER A 157 -3.56 -5.90 -6.84
C SER A 157 -2.45 -6.41 -7.78
N LEU A 158 -2.10 -5.59 -8.77
CA LEU A 158 -0.99 -5.89 -9.68
C LEU A 158 0.33 -5.89 -8.93
N LEU A 159 0.56 -4.85 -8.15
CA LEU A 159 1.80 -4.66 -7.42
C LEU A 159 1.99 -5.69 -6.31
N HIS A 160 0.90 -6.02 -5.62
CA HIS A 160 0.92 -6.99 -4.53
C HIS A 160 1.23 -8.41 -5.01
N THR A 161 0.69 -8.78 -6.17
CA THR A 161 0.92 -10.12 -6.74
C THR A 161 2.26 -10.22 -7.46
N LEU A 162 2.83 -9.06 -7.81
CA LEU A 162 4.19 -9.00 -8.34
C LEU A 162 5.21 -9.06 -7.20
N TYR A 163 4.93 -8.29 -6.14
CA TYR A 163 5.78 -8.29 -4.95
C TYR A 163 5.74 -9.64 -4.25
N GLY A 164 4.54 -10.20 -4.11
CA GLY A 164 4.35 -11.51 -3.48
C GLY A 164 5.14 -12.60 -4.18
N ARG A 165 5.11 -12.60 -5.51
CA ARG A 165 5.79 -13.60 -6.32
C ARG A 165 7.30 -13.38 -6.34
N SER A 166 7.74 -12.18 -5.99
CA SER A 166 9.17 -11.83 -6.00
C SER A 166 9.95 -12.43 -4.83
N LEU A 167 9.23 -12.87 -3.78
CA LEU A 167 9.87 -13.51 -2.63
C LEU A 167 10.26 -14.97 -2.92
N ARG A 168 9.91 -15.46 -4.10
CA ARG A 168 10.29 -16.80 -4.56
C ARG A 168 11.76 -16.87 -4.99
N TYR A 169 12.41 -15.70 -5.09
CA TYR A 169 13.77 -15.63 -5.65
C TYR A 169 14.74 -14.87 -4.74
N ASP A 170 16.05 -15.09 -4.98
CA ASP A 170 17.12 -14.52 -4.16
C ASP A 170 17.47 -13.08 -4.52
N THR A 171 16.45 -12.27 -4.82
CA THR A 171 16.63 -10.85 -5.09
C THR A 171 16.99 -10.10 -3.81
N SER A 172 17.98 -9.21 -3.91
CA SER A 172 18.34 -8.31 -2.83
C SER A 172 17.47 -7.06 -2.91
N TYR A 173 16.99 -6.60 -1.76
CA TYR A 173 16.13 -5.41 -1.71
C TYR A 173 16.69 -4.33 -0.82
N PHE A 174 17.15 -3.25 -1.45
CA PHE A 174 17.62 -2.08 -0.73
C PHE A 174 16.44 -1.14 -0.45
N VAL A 175 15.66 -1.48 0.56
CA VAL A 175 14.43 -0.76 0.90
C VAL A 175 14.76 0.58 1.58
N GLU A 176 14.19 1.64 1.03
CA GLU A 176 14.42 3.02 1.47
C GLU A 176 15.90 3.44 1.31
N TYR A 177 16.36 3.32 0.07
CA TYR A 177 17.69 3.77 -0.35
C TYR A 177 17.52 4.71 -1.54
N PHE A 178 17.76 6.00 -1.30
CA PHE A 178 17.61 7.03 -2.33
C PHE A 178 18.81 7.01 -3.29
N ALA A 179 18.53 6.73 -4.56
CA ALA A 179 19.54 6.72 -5.60
C ALA A 179 19.89 8.14 -6.01
N LEU A 180 21.20 8.45 -6.04
CA LEU A 180 21.67 9.80 -6.26
C LEU A 180 22.09 10.05 -7.72
N ASP A 181 23.05 9.25 -8.18
CA ASP A 181 23.57 9.37 -9.56
C ASP A 181 23.95 8.00 -10.13
N LEU A 182 23.98 7.91 -11.45
CA LEU A 182 24.43 6.70 -12.15
C LEU A 182 25.95 6.60 -12.13
N LEU A 183 26.45 5.39 -11.92
CA LEU A 183 27.88 5.13 -12.05
C LEU A 183 28.23 4.93 -13.52
N MET A 184 29.00 5.86 -14.06
CA MET A 184 29.30 5.88 -15.48
C MET A 184 30.81 5.96 -15.71
N GLU A 185 31.31 5.12 -16.61
CA GLU A 185 32.72 5.12 -16.99
C GLU A 185 32.85 5.04 -18.50
N ASN A 186 33.30 6.14 -19.10
CA ASN A 186 33.47 6.27 -20.56
C ASN A 186 32.23 5.83 -21.36
N GLY A 187 31.08 6.42 -21.01
CA GLY A 187 29.82 6.12 -21.70
C GLY A 187 29.12 4.86 -21.24
N GLU A 188 29.85 3.99 -20.54
CA GLU A 188 29.31 2.71 -20.08
C GLU A 188 28.81 2.80 -18.65
N CYS A 189 27.62 2.25 -18.41
CA CYS A 189 27.02 2.26 -17.08
C CYS A 189 27.52 1.09 -16.24
N ARG A 190 27.97 1.40 -15.03
CA ARG A 190 28.58 0.40 -14.15
C ARG A 190 27.75 0.12 -12.90
N GLY A 191 26.70 0.91 -12.68
CA GLY A 191 25.82 0.72 -11.53
C GLY A 191 25.25 2.01 -10.97
N VAL A 192 25.06 2.02 -9.65
CA VAL A 192 24.40 3.15 -8.96
C VAL A 192 25.11 3.51 -7.65
N ILE A 193 25.29 4.81 -7.43
CA ILE A 193 25.69 5.33 -6.13
C ILE A 193 24.44 5.86 -5.41
N ALA A 194 24.13 5.28 -4.26
CA ALA A 194 22.89 5.56 -3.56
C ALA A 194 23.08 5.91 -2.08
N LEU A 195 22.13 6.67 -1.54
CA LEU A 195 22.15 7.07 -0.14
C LEU A 195 21.20 6.21 0.69
N CYS A 196 21.72 5.63 1.77
CA CYS A 196 20.92 4.93 2.75
C CYS A 196 20.19 5.96 3.61
N ILE A 197 18.91 5.72 3.88
CA ILE A 197 18.10 6.64 4.67
C ILE A 197 18.04 6.22 6.14
N GLU A 198 18.18 4.93 6.39
CA GLU A 198 18.10 4.38 7.76
C GLU A 198 19.24 4.85 8.67
N ASP A 199 20.45 4.92 8.14
CA ASP A 199 21.61 5.36 8.91
C ASP A 199 22.32 6.59 8.33
N GLY A 200 22.21 6.79 7.03
CA GLY A 200 22.77 7.97 6.37
C GLY A 200 24.02 7.73 5.54
N SER A 201 24.45 6.46 5.47
CA SER A 201 25.65 6.10 4.72
C SER A 201 25.41 6.12 3.20
N ILE A 202 26.50 5.99 2.44
CA ILE A 202 26.44 6.01 0.98
C ILE A 202 26.97 4.69 0.40
N HIS A 203 26.16 4.07 -0.46
CA HIS A 203 26.48 2.76 -1.02
C HIS A 203 26.71 2.82 -2.52
N ARG A 204 27.79 2.18 -2.97
CA ARG A 204 28.09 2.06 -4.39
C ARG A 204 27.81 0.63 -4.85
N ILE A 205 26.73 0.47 -5.62
CA ILE A 205 26.31 -0.86 -6.08
C ILE A 205 26.65 -1.05 -7.55
N ARG A 206 27.73 -1.78 -7.81
CA ARG A 206 28.25 -2.01 -9.16
C ARG A 206 27.73 -3.29 -9.80
N ALA A 207 27.28 -3.18 -11.04
CA ALA A 207 26.77 -4.32 -11.81
C ALA A 207 27.01 -4.15 -13.31
N ARG A 208 26.96 -5.27 -14.03
CA ARG A 208 27.18 -5.29 -15.49
C ARG A 208 26.06 -4.58 -16.24
N ASN A 209 24.85 -4.61 -15.68
CA ASN A 209 23.69 -3.95 -16.27
C ASN A 209 22.87 -3.20 -15.22
N THR A 210 22.27 -2.09 -15.63
CA THR A 210 21.50 -1.23 -14.72
C THR A 210 20.16 -0.84 -15.33
N VAL A 211 19.08 -1.19 -14.64
CA VAL A 211 17.72 -0.87 -15.10
C VAL A 211 17.14 0.29 -14.30
N VAL A 212 16.56 1.26 -15.01
CA VAL A 212 15.94 2.42 -14.37
C VAL A 212 14.42 2.41 -14.55
N ALA A 213 13.71 2.28 -13.43
CA ALA A 213 12.24 2.25 -13.42
C ALA A 213 11.69 3.13 -12.30
N THR A 214 11.93 4.44 -12.42
CA THR A 214 11.63 5.39 -11.35
C THR A 214 10.30 6.13 -11.53
N GLY A 215 9.62 5.86 -12.62
CA GLY A 215 8.32 6.47 -12.89
C GLY A 215 8.38 7.92 -13.32
N GLY A 216 7.21 8.56 -13.36
CA GLY A 216 7.07 9.92 -13.87
C GLY A 216 7.55 11.02 -12.94
N TYR A 217 7.29 12.26 -13.35
CA TYR A 217 7.70 13.44 -12.59
C TYR A 217 6.53 14.39 -12.39
N GLY A 218 5.39 13.85 -11.96
CA GLY A 218 4.16 14.61 -11.77
C GLY A 218 4.24 15.75 -10.77
N ARG A 219 5.19 15.65 -9.83
CA ARG A 219 5.39 16.67 -8.80
C ARG A 219 5.94 18.00 -9.33
N THR A 220 6.23 18.06 -10.62
CA THR A 220 6.70 19.28 -11.28
C THR A 220 5.60 20.34 -11.34
N TYR A 221 4.35 19.90 -11.31
CA TYR A 221 3.18 20.79 -11.37
C TYR A 221 2.51 20.93 -10.00
N PHE A 222 1.63 21.92 -9.89
CA PHE A 222 0.88 22.15 -8.65
C PHE A 222 -0.20 21.09 -8.44
N SER A 223 -1.03 20.89 -9.44
CA SER A 223 -2.13 19.93 -9.37
C SER A 223 -1.83 18.67 -10.18
N CYS A 224 -1.71 17.54 -9.49
CA CYS A 224 -1.42 16.26 -10.11
C CYS A 224 -2.05 15.09 -9.35
N THR A 225 -2.36 14.01 -10.08
CA THR A 225 -2.90 12.79 -9.48
C THR A 225 -1.82 11.91 -8.89
N SER A 226 -0.57 12.15 -9.32
CA SER A 226 0.58 11.36 -8.90
C SER A 226 0.96 11.58 -7.43
N ALA A 227 1.77 10.67 -6.90
CA ALA A 227 2.18 10.69 -5.50
C ALA A 227 3.14 11.83 -5.18
N HIS A 228 3.43 12.00 -3.88
CA HIS A 228 4.41 12.99 -3.42
C HIS A 228 5.83 12.61 -3.81
N THR A 229 6.02 11.35 -4.20
CA THR A 229 7.34 10.80 -4.51
C THR A 229 7.62 10.68 -6.01
N SER A 230 6.62 10.97 -6.84
CA SER A 230 6.77 10.96 -8.29
C SER A 230 7.53 12.20 -8.75
N THR A 231 8.86 12.15 -8.58
CA THR A 231 9.71 13.32 -8.81
C THR A 231 10.72 13.16 -9.95
N GLY A 232 10.53 12.13 -10.76
CA GLY A 232 11.39 11.85 -11.91
C GLY A 232 12.86 11.84 -11.57
N ASP A 233 13.23 11.01 -10.60
CA ASP A 233 14.59 10.93 -10.10
C ASP A 233 15.54 10.25 -11.09
N GLY A 234 15.07 9.14 -11.68
CA GLY A 234 15.85 8.41 -12.68
C GLY A 234 15.92 9.15 -14.02
N THR A 235 14.90 9.97 -14.28
CA THR A 235 14.86 10.81 -15.47
C THR A 235 15.94 11.89 -15.40
N ALA A 236 16.11 12.46 -14.21
CA ALA A 236 17.12 13.50 -13.98
C ALA A 236 18.48 12.90 -13.57
N MET A 237 18.52 11.56 -13.49
CA MET A 237 19.76 10.84 -13.21
C MET A 237 20.51 10.61 -14.50
N VAL A 238 19.75 10.36 -15.58
CA VAL A 238 20.27 10.24 -16.93
C VAL A 238 20.73 11.61 -17.43
N THR A 239 20.08 12.66 -16.93
CA THR A 239 20.40 14.04 -17.28
C THR A 239 21.83 14.44 -16.87
N ARG A 240 22.17 14.21 -15.61
CA ARG A 240 23.49 14.57 -15.07
C ARG A 240 24.63 13.75 -15.70
N ALA A 241 24.28 12.61 -16.29
CA ALA A 241 25.23 11.76 -17.00
C ALA A 241 25.52 12.31 -18.40
N GLY A 242 24.72 13.28 -18.83
CA GLY A 242 24.90 13.93 -20.13
C GLY A 242 24.09 13.28 -21.24
N LEU A 243 23.41 12.19 -20.92
CA LEU A 243 22.58 11.46 -21.87
C LEU A 243 21.24 12.17 -22.07
N PRO A 244 20.67 12.10 -23.29
CA PRO A 244 19.45 12.85 -23.62
C PRO A 244 18.19 12.30 -22.95
N CYS A 245 17.15 13.13 -22.90
CA CYS A 245 15.82 12.72 -22.45
C CYS A 245 14.81 12.99 -23.56
N GLN A 246 13.87 12.06 -23.75
CA GLN A 246 12.94 12.11 -24.87
C GLN A 246 11.57 12.66 -24.50
N ASP A 247 11.00 13.45 -25.43
CA ASP A 247 9.59 13.89 -25.39
C ASP A 247 9.07 14.40 -24.04
N LEU A 248 9.92 15.13 -23.31
CA LEU A 248 9.57 15.58 -21.96
C LEU A 248 8.50 16.68 -21.91
N GLU A 249 8.25 17.33 -23.04
CA GLU A 249 7.20 18.34 -23.13
C GLU A 249 5.80 17.73 -23.20
N PHE A 250 5.74 16.45 -23.56
CA PHE A 250 4.47 15.73 -23.65
C PHE A 250 4.02 15.24 -22.27
N VAL A 251 3.11 16.01 -21.67
CA VAL A 251 2.56 15.70 -20.35
C VAL A 251 1.05 15.48 -20.48
N GLN A 252 0.60 14.28 -20.15
CA GLN A 252 -0.81 13.92 -20.29
C GLN A 252 -1.65 14.48 -19.15
N PHE A 253 -2.77 15.10 -19.51
CA PHE A 253 -3.73 15.62 -18.54
C PHE A 253 -4.95 14.73 -18.45
N HIS A 254 -5.08 14.03 -17.32
CA HIS A 254 -6.23 13.19 -17.06
C HIS A 254 -7.46 14.06 -16.82
N PRO A 255 -8.53 13.86 -17.60
CA PRO A 255 -9.73 14.69 -17.55
C PRO A 255 -10.44 14.68 -16.20
N THR A 256 -10.43 13.53 -15.52
CA THR A 256 -11.17 13.36 -14.27
C THR A 256 -10.28 13.29 -13.03
N GLY A 257 -10.20 14.40 -12.31
CA GLY A 257 -9.43 14.49 -11.06
C GLY A 257 -10.12 15.45 -10.10
N ILE A 258 -10.20 15.06 -8.83
CA ILE A 258 -10.91 15.84 -7.81
C ILE A 258 -10.38 17.26 -7.68
N TYR A 259 -11.29 18.22 -7.55
CA TYR A 259 -10.95 19.64 -7.42
C TYR A 259 -10.15 19.95 -6.16
N GLY A 260 -10.35 19.15 -5.11
CA GLY A 260 -9.68 19.34 -3.83
C GLY A 260 -8.21 18.96 -3.82
N ALA A 261 -7.92 17.76 -3.31
CA ALA A 261 -6.55 17.28 -3.14
C ALA A 261 -5.89 16.84 -4.46
N GLY A 262 -6.69 16.72 -5.51
CA GLY A 262 -6.20 16.31 -6.82
C GLY A 262 -6.19 14.81 -7.01
N CYS A 263 -6.99 14.10 -6.22
CA CYS A 263 -7.09 12.64 -6.31
C CYS A 263 -7.77 12.20 -7.61
N LEU A 264 -7.45 10.98 -8.04
CA LEU A 264 -7.95 10.46 -9.31
C LEU A 264 -9.29 9.75 -9.19
N ILE A 265 -10.21 10.10 -10.08
CA ILE A 265 -11.39 9.30 -10.36
C ILE A 265 -11.13 8.64 -11.71
N THR A 266 -11.14 7.30 -11.72
CA THR A 266 -10.69 6.52 -12.87
C THR A 266 -11.45 6.78 -14.18
N GLU A 267 -10.79 6.47 -15.30
CA GLU A 267 -11.42 6.50 -16.61
C GLU A 267 -12.37 5.31 -16.78
N GLY A 268 -12.26 4.35 -15.86
CA GLY A 268 -13.18 3.21 -15.78
C GLY A 268 -14.62 3.64 -15.48
N CYS A 269 -14.76 4.82 -14.89
CA CYS A 269 -16.07 5.42 -14.65
C CYS A 269 -16.75 5.79 -15.97
N ARG A 270 -15.98 6.37 -16.88
CA ARG A 270 -16.45 6.71 -18.23
C ARG A 270 -16.64 5.45 -19.08
N GLY A 271 -15.83 4.42 -18.80
CA GLY A 271 -15.89 3.15 -19.52
C GLY A 271 -17.10 2.30 -19.17
N GLU A 272 -17.61 2.45 -17.95
CA GLU A 272 -18.78 1.72 -17.49
C GLU A 272 -20.09 2.39 -17.90
N GLY A 273 -20.12 3.73 -17.85
CA GLY A 273 -21.30 4.49 -18.27
C GLY A 273 -21.40 5.92 -17.72
N GLY A 274 -20.31 6.40 -17.12
CA GLY A 274 -20.27 7.75 -16.55
C GLY A 274 -20.14 8.82 -17.62
N ILE A 275 -20.98 9.84 -17.54
CA ILE A 275 -21.03 10.91 -18.54
C ILE A 275 -20.60 12.25 -17.93
N LEU A 276 -19.97 13.09 -18.75
CA LEU A 276 -19.52 14.42 -18.33
C LEU A 276 -20.53 15.49 -18.75
N ILE A 277 -21.00 16.26 -17.77
CA ILE A 277 -22.04 17.27 -17.99
C ILE A 277 -21.60 18.65 -17.47
N ASN A 278 -21.74 19.66 -18.32
CA ASN A 278 -21.40 21.04 -17.97
C ASN A 278 -22.49 21.76 -17.18
N SER A 279 -22.21 23.00 -16.76
CA SER A 279 -23.13 23.80 -15.94
C SER A 279 -24.45 24.15 -16.63
N GLN A 280 -24.43 24.15 -17.96
CA GLN A 280 -25.62 24.44 -18.77
C GLN A 280 -26.64 23.30 -18.70
N GLY A 281 -26.14 22.08 -18.51
CA GLY A 281 -26.98 20.88 -18.43
C GLY A 281 -26.83 19.97 -19.64
N GLU A 282 -26.14 20.47 -20.66
CA GLU A 282 -25.93 19.76 -21.92
C GLU A 282 -24.88 18.64 -21.75
N ARG A 283 -25.09 17.55 -22.49
CA ARG A 283 -24.05 16.54 -22.69
C ARG A 283 -23.03 17.13 -23.65
N PHE A 284 -22.04 17.84 -23.11
CA PHE A 284 -21.11 18.63 -23.91
C PHE A 284 -20.07 17.81 -24.66
N MET A 285 -19.82 16.59 -24.19
CA MET A 285 -18.82 15.72 -24.79
C MET A 285 -19.22 15.14 -26.15
N GLU A 286 -20.52 15.14 -26.43
CA GLU A 286 -21.03 14.69 -27.73
C GLU A 286 -20.91 15.80 -28.77
N ARG A 287 -20.85 17.04 -28.29
CA ARG A 287 -20.70 18.23 -29.13
C ARG A 287 -19.29 18.32 -29.74
N TYR A 288 -18.28 18.05 -28.91
CA TYR A 288 -16.88 18.08 -29.36
C TYR A 288 -16.51 16.84 -30.18
N ALA A 289 -16.77 15.66 -29.61
CA ALA A 289 -16.50 14.39 -30.27
C ALA A 289 -17.80 13.63 -30.53
N PRO A 290 -18.10 13.34 -31.82
CA PRO A 290 -19.33 12.63 -32.17
C PRO A 290 -19.21 11.11 -32.17
N VAL A 291 -18.06 10.59 -32.59
CA VAL A 291 -17.86 9.14 -32.77
C VAL A 291 -17.67 8.40 -31.43
N ALA A 292 -16.64 8.77 -30.68
CA ALA A 292 -16.33 8.13 -29.41
C ALA A 292 -17.02 8.81 -28.22
N LYS A 293 -17.49 10.04 -28.45
CA LYS A 293 -18.19 10.85 -27.44
C LYS A 293 -17.36 11.11 -26.19
N ASP A 294 -17.92 10.82 -25.02
CA ASP A 294 -17.24 11.04 -23.74
C ASP A 294 -16.10 10.05 -23.47
N LEU A 295 -16.13 8.92 -24.19
CA LEU A 295 -15.08 7.90 -24.06
C LEU A 295 -14.05 8.03 -25.19
N ALA A 296 -13.55 9.25 -25.39
CA ALA A 296 -12.52 9.52 -26.38
C ALA A 296 -11.13 9.47 -25.75
N SER A 297 -10.11 9.83 -26.52
CA SER A 297 -8.72 9.85 -26.03
C SER A 297 -8.50 11.01 -25.05
N ARG A 298 -7.52 10.83 -24.16
CA ARG A 298 -7.26 11.79 -23.08
C ARG A 298 -6.79 13.18 -23.51
N ASP A 299 -6.37 13.30 -24.76
CA ASP A 299 -5.93 14.59 -25.32
C ASP A 299 -7.09 15.38 -25.93
N VAL A 300 -8.26 14.76 -26.01
CA VAL A 300 -9.45 15.39 -26.60
C VAL A 300 -10.48 15.72 -25.51
N VAL A 301 -10.66 14.80 -24.55
CA VAL A 301 -11.63 14.97 -23.48
C VAL A 301 -11.24 16.12 -22.54
N SER A 302 -10.00 16.12 -22.08
CA SER A 302 -9.48 17.17 -21.21
C SER A 302 -9.36 18.52 -21.93
N ARG A 303 -9.16 18.45 -23.24
CA ARG A 303 -9.10 19.63 -24.10
C ARG A 303 -10.45 20.33 -24.15
N SER A 304 -11.53 19.54 -24.13
CA SER A 304 -12.89 20.05 -24.15
C SER A 304 -13.29 20.65 -22.81
N MET A 305 -12.78 20.05 -21.72
CA MET A 305 -13.12 20.48 -20.36
C MET A 305 -12.51 21.82 -19.99
N THR A 306 -11.24 22.02 -20.36
CA THR A 306 -10.52 23.27 -20.08
C THR A 306 -11.01 24.43 -20.95
N LEU A 307 -11.65 24.09 -22.07
CA LEU A 307 -12.23 25.09 -22.98
C LEU A 307 -13.56 25.61 -22.45
N GLU A 308 -14.23 24.81 -21.60
CA GLU A 308 -15.49 25.20 -20.97
C GLU A 308 -15.31 26.36 -19.99
N ILE A 309 -14.11 26.46 -19.41
CA ILE A 309 -13.76 27.55 -18.50
C ILE A 309 -13.60 28.86 -19.26
N ARG A 310 -13.14 28.76 -20.51
CA ARG A 310 -12.89 29.93 -21.36
C ARG A 310 -14.16 30.71 -21.70
N GLU A 311 -15.26 29.99 -21.92
CA GLU A 311 -16.57 30.62 -22.15
C GLU A 311 -17.40 30.78 -20.87
N GLY A 312 -16.76 30.51 -19.73
CA GLY A 312 -17.40 30.69 -18.41
C GLY A 312 -18.48 29.69 -18.07
N ARG A 313 -18.40 28.50 -18.67
CA ARG A 313 -19.37 27.44 -18.42
C ARG A 313 -18.84 26.44 -17.39
N GLY A 314 -18.52 26.96 -16.20
CA GLY A 314 -18.00 26.15 -15.11
C GLY A 314 -19.07 25.72 -14.13
N CYS A 315 -18.96 24.49 -13.64
CA CYS A 315 -19.95 23.89 -12.74
C CYS A 315 -19.79 24.31 -11.28
N GLY A 316 -18.55 24.55 -10.87
CA GLY A 316 -18.22 24.83 -9.48
C GLY A 316 -18.76 26.14 -8.91
N PRO A 317 -18.61 26.33 -7.59
CA PRO A 317 -19.06 27.55 -6.89
C PRO A 317 -18.35 28.80 -7.39
N GLU A 318 -17.08 28.66 -7.76
CA GLU A 318 -16.30 29.74 -8.35
C GLU A 318 -16.21 29.59 -9.86
N LYS A 319 -16.91 28.59 -10.39
CA LYS A 319 -16.97 28.28 -11.83
C LYS A 319 -15.58 28.02 -12.42
N ASP A 320 -15.05 26.82 -12.15
CA ASP A 320 -13.72 26.41 -12.62
C ASP A 320 -13.63 24.95 -13.04
N HIS A 321 -14.39 24.08 -12.35
CA HIS A 321 -14.38 22.65 -12.66
C HIS A 321 -15.68 22.16 -13.32
N VAL A 322 -15.65 20.93 -13.82
CA VAL A 322 -16.81 20.29 -14.46
C VAL A 322 -17.26 19.10 -13.60
N TYR A 323 -18.37 18.46 -13.99
CA TYR A 323 -18.90 17.30 -13.27
C TYR A 323 -18.75 15.98 -14.02
N LEU A 324 -18.52 14.91 -13.26
CA LEU A 324 -18.61 13.55 -13.76
C LEU A 324 -19.84 12.91 -13.11
N GLN A 325 -20.87 12.66 -13.92
CA GLN A 325 -22.14 12.20 -13.38
C GLN A 325 -22.22 10.67 -13.26
N LEU A 326 -22.53 10.22 -12.05
CA LEU A 326 -22.78 8.80 -11.77
C LEU A 326 -24.16 8.64 -11.13
N HIS A 327 -25.00 9.66 -11.31
CA HIS A 327 -26.37 9.70 -10.79
C HIS A 327 -27.26 8.66 -11.45
N HIS A 328 -27.07 8.47 -12.76
CA HIS A 328 -27.88 7.55 -13.55
C HIS A 328 -27.41 6.10 -13.46
N LEU A 329 -26.18 5.90 -12.99
CA LEU A 329 -25.61 4.57 -12.81
C LEU A 329 -26.29 3.80 -11.68
N PRO A 330 -26.51 2.48 -11.88
CA PRO A 330 -27.11 1.63 -10.84
C PRO A 330 -26.15 1.43 -9.66
N PRO A 331 -26.68 1.42 -8.42
CA PRO A 331 -25.88 1.18 -7.21
C PRO A 331 -25.35 -0.25 -7.16
N GLU A 332 -25.93 -1.14 -7.95
CA GLU A 332 -25.49 -2.55 -8.03
C GLU A 332 -24.12 -2.66 -8.69
N GLN A 333 -23.86 -1.80 -9.67
CA GLN A 333 -22.61 -1.79 -10.43
C GLN A 333 -21.49 -1.07 -9.67
N LEU A 334 -21.87 -0.05 -8.90
CA LEU A 334 -20.91 0.75 -8.14
C LEU A 334 -20.30 0.03 -6.95
N ALA A 335 -20.91 -1.10 -6.56
CA ALA A 335 -20.44 -1.90 -5.43
C ALA A 335 -19.56 -3.08 -5.87
N VAL A 336 -19.70 -3.48 -7.14
CA VAL A 336 -18.99 -4.63 -7.68
C VAL A 336 -17.88 -4.21 -8.65
N ARG A 337 -18.19 -3.26 -9.53
CA ARG A 337 -17.27 -2.85 -10.60
C ARG A 337 -16.38 -1.65 -10.24
N LEU A 338 -16.91 -0.74 -9.42
CA LEU A 338 -16.16 0.45 -9.03
C LEU A 338 -16.26 0.78 -7.52
N PRO A 339 -15.70 -0.09 -6.65
CA PRO A 339 -15.77 0.18 -5.21
C PRO A 339 -14.69 1.15 -4.70
N GLY A 340 -13.54 1.17 -5.37
CA GLY A 340 -12.40 2.00 -4.96
C GLY A 340 -12.63 3.49 -5.06
N ILE A 341 -13.26 3.90 -6.17
CA ILE A 341 -13.59 5.32 -6.38
C ILE A 341 -14.84 5.74 -5.60
N SER A 342 -15.68 4.77 -5.26
CA SER A 342 -16.92 5.02 -4.51
C SER A 342 -16.65 5.48 -3.08
N GLU A 343 -15.71 4.80 -2.41
CA GLU A 343 -15.34 5.13 -1.03
C GLU A 343 -14.54 6.43 -0.94
N THR A 344 -13.62 6.63 -1.89
CA THR A 344 -12.75 7.80 -1.91
C THR A 344 -13.46 9.10 -2.33
N ALA A 345 -14.69 8.95 -2.82
CA ALA A 345 -15.50 10.10 -3.22
C ALA A 345 -16.05 10.87 -2.01
N MET A 346 -16.46 10.13 -0.98
CA MET A 346 -17.00 10.73 0.25
C MET A 346 -15.90 11.34 1.13
N ILE A 347 -14.68 10.87 0.95
CA ILE A 347 -13.55 11.31 1.78
C ILE A 347 -13.07 12.72 1.41
N PHE A 348 -12.70 12.89 0.13
CA PHE A 348 -12.08 14.14 -0.32
C PHE A 348 -13.08 15.18 -0.83
N ALA A 349 -14.25 14.74 -1.26
CA ALA A 349 -15.27 15.64 -1.80
C ALA A 349 -16.52 15.75 -0.92
N GLY A 350 -16.76 14.72 -0.10
CA GLY A 350 -17.97 14.67 0.72
C GLY A 350 -19.19 14.38 -0.13
N VAL A 351 -19.01 13.52 -1.14
CA VAL A 351 -20.02 13.26 -2.15
C VAL A 351 -20.20 11.75 -2.34
N ASP A 352 -21.44 11.28 -2.25
CA ASP A 352 -21.78 9.89 -2.57
C ASP A 352 -22.07 9.75 -4.06
N VAL A 353 -21.50 8.71 -4.67
CA VAL A 353 -21.56 8.50 -6.12
C VAL A 353 -22.96 8.16 -6.64
N THR A 354 -23.83 7.70 -5.75
CA THR A 354 -25.16 7.22 -6.13
C THR A 354 -26.22 8.32 -6.33
N LYS A 355 -26.03 9.47 -5.68
CA LYS A 355 -27.02 10.56 -5.75
C LYS A 355 -26.53 11.88 -6.35
N GLU A 356 -25.23 12.14 -6.27
CA GLU A 356 -24.66 13.38 -6.83
C GLU A 356 -23.33 13.15 -7.58
N PRO A 357 -23.09 13.92 -8.66
CA PRO A 357 -21.88 13.82 -9.48
C PRO A 357 -20.60 14.24 -8.76
N ILE A 358 -19.45 13.85 -9.33
CA ILE A 358 -18.14 14.15 -8.76
C ILE A 358 -17.55 15.40 -9.42
N PRO A 359 -17.06 16.35 -8.60
CA PRO A 359 -16.34 17.53 -9.11
C PRO A 359 -14.99 17.13 -9.72
N VAL A 360 -14.89 17.20 -11.04
CA VAL A 360 -13.69 16.78 -11.77
C VAL A 360 -12.99 17.91 -12.51
N LEU A 361 -11.68 17.79 -12.68
CA LEU A 361 -10.85 18.79 -13.34
C LEU A 361 -9.65 18.13 -14.02
N PRO A 362 -9.30 18.58 -15.24
CA PRO A 362 -8.09 18.10 -15.93
C PRO A 362 -6.83 18.37 -15.11
N THR A 363 -6.13 17.30 -14.75
CA THR A 363 -4.92 17.40 -13.92
C THR A 363 -3.79 16.55 -14.50
N VAL A 364 -2.55 16.92 -14.15
CA VAL A 364 -1.35 16.21 -14.59
C VAL A 364 -1.38 14.75 -14.11
N HIS A 365 -1.16 13.84 -15.05
CA HIS A 365 -1.35 12.41 -14.78
C HIS A 365 -0.15 11.57 -15.22
N TYR A 366 0.19 11.65 -16.51
CA TYR A 366 1.18 10.76 -17.10
C TYR A 366 2.31 11.48 -17.83
N ASN A 367 3.49 10.89 -17.78
CA ASN A 367 4.64 11.36 -18.54
C ASN A 367 5.10 10.27 -19.52
N MET A 368 4.63 10.37 -20.76
CA MET A 368 5.03 9.43 -21.81
C MET A 368 6.50 9.62 -22.19
N GLY A 369 6.93 10.87 -22.23
CA GLY A 369 8.32 11.19 -22.46
C GLY A 369 9.17 10.94 -21.23
N GLY A 370 10.36 10.40 -21.46
CA GLY A 370 11.29 10.07 -20.38
C GLY A 370 12.68 9.79 -20.90
N ILE A 371 13.15 8.57 -20.65
CA ILE A 371 14.48 8.14 -21.09
C ILE A 371 14.36 7.40 -22.43
N PRO A 372 15.07 7.89 -23.48
CA PRO A 372 15.05 7.27 -24.80
C PRO A 372 15.38 5.78 -24.72
N THR A 373 14.50 4.94 -25.24
CA THR A 373 14.57 3.50 -25.01
C THR A 373 14.31 2.68 -26.29
N ASN A 374 15.16 1.68 -26.49
CA ASN A 374 14.98 0.67 -27.53
C ASN A 374 13.79 -0.22 -27.17
N TYR A 375 13.17 -0.84 -28.17
CA TYR A 375 12.05 -1.76 -27.91
C TYR A 375 12.46 -2.93 -27.02
N LYS A 376 13.75 -3.23 -27.00
CA LYS A 376 14.33 -4.25 -26.13
C LYS A 376 14.43 -3.77 -24.68
N GLY A 377 14.54 -2.46 -24.50
CA GLY A 377 14.68 -1.87 -23.16
C GLY A 377 15.97 -1.09 -23.00
N GLN A 378 16.84 -1.16 -24.00
CA GLN A 378 18.14 -0.51 -23.97
C GLN A 378 18.02 1.01 -24.06
N VAL A 379 18.80 1.71 -23.24
CA VAL A 379 18.82 3.17 -23.27
C VAL A 379 19.60 3.68 -24.48
N LEU A 380 18.98 4.59 -25.23
CA LEU A 380 19.56 5.11 -26.46
C LEU A 380 20.15 6.50 -26.29
N ARG A 381 21.38 6.67 -26.75
CA ARG A 381 22.00 8.00 -26.88
C ARG A 381 22.00 8.40 -28.35
N HIS A 382 22.06 9.69 -28.62
CA HIS A 382 22.01 10.19 -29.99
C HIS A 382 23.34 10.84 -30.42
N VAL A 383 24.07 10.12 -31.27
CA VAL A 383 25.36 10.58 -31.78
C VAL A 383 25.36 10.57 -33.30
N ASN A 384 25.66 11.74 -33.88
CA ASN A 384 25.74 11.94 -35.33
C ASN A 384 24.49 11.49 -36.09
N GLY A 385 23.33 11.98 -35.63
CA GLY A 385 22.04 11.68 -36.24
C GLY A 385 21.63 10.22 -36.25
N GLN A 386 22.25 9.44 -35.36
CA GLN A 386 22.02 7.99 -35.32
C GLN A 386 21.87 7.48 -33.88
N ASP A 387 21.15 6.36 -33.75
CA ASP A 387 20.90 5.76 -32.45
C ASP A 387 22.00 4.80 -32.02
N GLN A 388 22.49 5.00 -30.79
CA GLN A 388 23.51 4.14 -30.21
C GLN A 388 23.04 3.58 -28.87
N VAL A 389 23.32 2.31 -28.62
CA VAL A 389 22.94 1.64 -27.38
C VAL A 389 23.96 1.94 -26.29
N VAL A 390 23.49 2.50 -25.18
CA VAL A 390 24.33 2.76 -24.01
C VAL A 390 24.61 1.43 -23.31
N PRO A 391 25.89 1.04 -23.21
CA PRO A 391 26.28 -0.26 -22.66
C PRO A 391 25.96 -0.41 -21.17
N GLY A 392 25.19 -1.44 -20.83
CA GLY A 392 24.85 -1.76 -19.45
C GLY A 392 23.81 -0.84 -18.82
N LEU A 393 23.04 -0.15 -19.64
CA LEU A 393 21.97 0.71 -19.14
C LEU A 393 20.63 0.40 -19.79
N TYR A 394 19.62 0.21 -18.95
CA TYR A 394 18.27 -0.12 -19.38
C TYR A 394 17.23 0.76 -18.70
N ALA A 395 16.05 0.86 -19.30
CA ALA A 395 14.94 1.63 -18.72
C ALA A 395 13.59 1.03 -19.10
N CYS A 396 12.71 0.91 -18.12
CA CYS A 396 11.35 0.41 -18.33
C CYS A 396 10.34 1.16 -17.47
N GLY A 397 9.13 1.34 -17.99
CA GLY A 397 8.05 1.99 -17.25
C GLY A 397 7.79 3.43 -17.67
N GLU A 398 7.23 4.20 -16.74
CA GLU A 398 6.87 5.60 -16.98
C GLU A 398 8.10 6.50 -17.15
N ALA A 399 9.18 6.15 -16.43
CA ALA A 399 10.45 6.84 -16.57
C ALA A 399 11.07 6.61 -17.95
N ALA A 400 10.79 5.45 -18.52
CA ALA A 400 11.29 5.09 -19.86
C ALA A 400 10.46 5.72 -20.96
N CYS A 401 11.06 5.84 -22.13
CA CYS A 401 10.35 6.30 -23.32
C CYS A 401 10.82 5.51 -24.55
N ALA A 402 10.32 4.28 -24.66
CA ALA A 402 10.42 3.53 -25.91
C ALA A 402 9.40 4.12 -26.88
N SER A 403 8.69 5.13 -26.38
CA SER A 403 7.60 5.82 -27.08
C SER A 403 6.57 4.82 -27.60
N VAL A 404 6.00 4.07 -26.67
CA VAL A 404 4.91 3.16 -26.97
C VAL A 404 3.58 3.92 -26.83
N HIS A 405 3.65 5.07 -26.15
CA HIS A 405 2.48 5.93 -25.93
C HIS A 405 2.49 7.14 -26.86
N GLY A 406 3.69 7.57 -27.27
CA GLY A 406 3.84 8.66 -28.23
C GLY A 406 3.47 10.04 -27.72
N ALA A 407 2.55 10.69 -28.43
CA ALA A 407 2.10 12.04 -28.09
C ALA A 407 0.93 12.02 -27.10
N ASN A 408 0.24 10.90 -27.02
CA ASN A 408 -0.87 10.71 -26.08
C ASN A 408 -1.05 9.24 -25.71
N ARG A 409 -0.95 8.95 -24.42
CA ARG A 409 -1.10 7.57 -23.92
C ARG A 409 -2.55 7.10 -24.04
N LEU A 410 -2.73 5.90 -24.58
CA LEU A 410 -4.04 5.26 -24.65
C LEU A 410 -4.47 4.78 -23.26
N GLY A 411 -5.77 4.77 -23.01
CA GLY A 411 -6.33 4.38 -21.72
C GLY A 411 -5.94 2.98 -21.26
N ALA A 412 -5.40 2.91 -20.04
CA ALA A 412 -5.00 1.65 -19.40
C ALA A 412 -3.89 0.89 -20.13
N ASN A 413 -2.91 1.62 -20.65
CA ASN A 413 -1.79 1.03 -21.38
C ASN A 413 -0.46 1.06 -20.63
N SER A 414 -0.38 1.87 -19.57
CA SER A 414 0.86 2.00 -18.81
C SER A 414 1.19 0.77 -17.96
N LEU A 415 0.17 0.19 -17.33
CA LEU A 415 0.37 -1.03 -16.56
C LEU A 415 0.83 -2.18 -17.46
N LEU A 416 0.41 -2.14 -18.73
CA LEU A 416 0.92 -3.06 -19.74
C LEU A 416 2.35 -2.70 -20.12
N ASP A 417 2.60 -1.41 -20.31
CA ASP A 417 3.94 -0.87 -20.60
C ASP A 417 4.94 -1.28 -19.50
N LEU A 418 4.44 -1.44 -18.28
CA LEU A 418 5.24 -1.84 -17.13
C LEU A 418 5.66 -3.31 -17.20
N VAL A 419 4.67 -4.20 -17.29
CA VAL A 419 4.90 -5.65 -17.22
C VAL A 419 5.63 -6.19 -18.46
N VAL A 420 5.29 -5.67 -19.63
CA VAL A 420 5.87 -6.15 -20.90
C VAL A 420 7.33 -5.72 -21.06
N PHE A 421 7.59 -4.42 -20.87
CA PHE A 421 8.95 -3.89 -21.03
C PHE A 421 9.85 -4.16 -19.82
N GLY A 422 9.24 -4.39 -18.67
CA GLY A 422 9.96 -4.87 -17.49
C GLY A 422 10.50 -6.26 -17.73
N ARG A 423 9.66 -7.10 -18.35
CA ARG A 423 10.04 -8.44 -18.79
C ARG A 423 11.10 -8.37 -19.89
N ALA A 424 10.93 -7.42 -20.81
CA ALA A 424 11.86 -7.24 -21.94
C ALA A 424 13.26 -6.84 -21.49
N CYS A 425 13.34 -6.02 -20.43
CA CYS A 425 14.62 -5.64 -19.85
C CYS A 425 15.36 -6.83 -19.27
N ALA A 426 14.61 -7.78 -18.72
CA ALA A 426 15.17 -9.02 -18.17
C ALA A 426 15.65 -9.96 -19.27
N LEU A 427 14.85 -10.08 -20.33
CA LEU A 427 15.17 -10.97 -21.45
C LEU A 427 16.36 -10.49 -22.28
N SER A 428 16.48 -9.17 -22.41
CA SER A 428 17.56 -8.57 -23.19
C SER A 428 18.92 -8.68 -22.49
N ILE A 429 18.89 -8.80 -21.16
CA ILE A 429 20.09 -9.06 -20.39
C ILE A 429 20.44 -10.54 -20.43
N ALA A 430 19.43 -11.40 -20.27
CA ALA A 430 19.60 -12.85 -20.24
C ALA A 430 20.10 -13.44 -21.56
N GLU A 431 19.79 -12.77 -22.67
CA GLU A 431 20.18 -13.24 -23.99
C GLU A 431 21.45 -12.59 -24.53
N SER A 432 21.92 -11.54 -23.86
CA SER A 432 23.16 -10.85 -24.26
C SER A 432 24.37 -11.34 -23.48
N CYS A 433 24.27 -11.34 -22.14
CA CYS A 433 25.35 -11.82 -21.28
C CYS A 433 24.85 -12.86 -20.27
N ARG A 434 25.79 -13.62 -19.70
CA ARG A 434 25.46 -14.70 -18.77
C ARG A 434 25.66 -14.28 -17.31
N PRO A 435 24.96 -14.93 -16.36
CA PRO A 435 25.17 -14.64 -14.95
C PRO A 435 26.54 -15.12 -14.48
N GLY A 436 27.24 -14.28 -13.73
CA GLY A 436 28.57 -14.60 -13.24
C GLY A 436 29.69 -14.04 -14.11
N ASP A 437 29.33 -13.36 -15.19
CA ASP A 437 30.30 -12.71 -16.07
C ASP A 437 30.97 -11.53 -15.38
N LYS A 438 32.16 -11.16 -15.87
CA LYS A 438 32.98 -10.12 -15.26
C LYS A 438 32.19 -8.82 -15.02
N VAL A 439 32.15 -8.40 -13.77
CA VAL A 439 31.56 -7.12 -13.39
C VAL A 439 32.64 -6.04 -13.56
N PRO A 440 32.42 -5.09 -14.49
CA PRO A 440 33.43 -4.07 -14.82
C PRO A 440 33.79 -3.21 -13.62
N SER A 441 35.09 -3.18 -13.29
CA SER A 441 35.59 -2.49 -12.10
C SER A 441 35.43 -0.97 -12.20
N ILE A 442 34.92 -0.38 -11.12
CA ILE A 442 34.70 1.06 -11.03
C ILE A 442 35.90 1.75 -10.38
N LYS A 443 36.08 3.03 -10.71
CA LYS A 443 37.16 3.86 -10.15
C LYS A 443 37.01 4.02 -8.63
N PRO A 444 38.14 4.07 -7.91
CA PRO A 444 38.11 4.22 -6.45
C PRO A 444 37.40 5.48 -5.97
N ASN A 445 37.55 6.57 -6.72
CA ASN A 445 36.89 7.84 -6.38
C ASN A 445 35.77 8.20 -7.35
N ALA A 446 35.03 7.18 -7.80
CA ALA A 446 33.88 7.39 -8.68
C ALA A 446 32.61 7.65 -7.86
N GLY A 447 31.84 8.63 -8.30
CA GLY A 447 30.67 9.10 -7.53
C GLY A 447 31.10 10.13 -6.51
N GLU A 448 32.22 10.79 -6.78
CA GLU A 448 32.80 11.80 -5.88
C GLU A 448 31.93 13.06 -5.83
N GLU A 449 31.45 13.50 -6.99
CA GLU A 449 30.58 14.67 -7.10
C GLU A 449 29.17 14.41 -6.55
N SER A 450 28.76 13.14 -6.55
CA SER A 450 27.46 12.74 -6.01
C SER A 450 27.42 12.88 -4.49
N VAL A 451 28.54 12.52 -3.85
CA VAL A 451 28.71 12.66 -2.41
C VAL A 451 28.91 14.14 -2.04
N MET A 452 29.75 14.83 -2.83
CA MET A 452 30.01 16.26 -2.62
C MET A 452 28.76 17.11 -2.80
N ASN A 453 27.87 16.68 -3.68
CA ASN A 453 26.56 17.33 -3.86
C ASN A 453 25.71 17.18 -2.60
N LEU A 454 25.63 15.96 -2.09
CA LEU A 454 24.87 15.63 -0.89
C LEU A 454 25.34 16.45 0.33
N ASP A 455 26.66 16.64 0.44
CA ASP A 455 27.26 17.33 1.57
C ASP A 455 26.98 18.84 1.58
N LYS A 456 26.71 19.40 0.41
CA LYS A 456 26.36 20.82 0.28
C LYS A 456 24.96 21.10 0.80
N LEU A 457 24.00 20.25 0.43
CA LEU A 457 22.60 20.42 0.80
C LEU A 457 22.29 19.92 2.21
N ARG A 458 23.20 19.10 2.76
CA ARG A 458 23.11 18.66 4.15
C ARG A 458 23.45 19.84 5.08
N PHE A 459 24.41 20.66 4.65
CA PHE A 459 24.79 21.87 5.37
C PHE A 459 24.39 23.14 4.61
N ALA A 460 23.20 23.13 4.03
CA ALA A 460 22.72 24.25 3.21
C ALA A 460 22.31 25.45 4.06
N ASN A 461 22.91 26.60 3.78
CA ASN A 461 22.64 27.84 4.51
C ASN A 461 22.37 29.00 3.55
N GLY A 462 21.12 29.12 3.13
CA GLY A 462 20.71 30.15 2.17
C GLY A 462 19.61 31.06 2.66
N THR A 463 18.72 31.45 1.76
CA THR A 463 17.62 32.37 2.07
C THR A 463 16.25 31.85 1.67
N ILE A 464 16.20 30.98 0.67
CA ILE A 464 14.94 30.42 0.17
C ILE A 464 14.80 28.96 0.60
N ARG A 465 13.69 28.63 1.25
CA ARG A 465 13.42 27.28 1.73
C ARG A 465 13.13 26.32 0.57
N THR A 466 13.36 25.03 0.80
CA THR A 466 13.11 23.98 -0.18
C THR A 466 11.68 24.00 -0.70
N SER A 467 10.73 24.02 0.24
CA SER A 467 9.30 23.96 -0.09
C SER A 467 8.77 25.24 -0.74
N GLU A 468 9.39 26.38 -0.40
CA GLU A 468 9.00 27.67 -0.96
C GLU A 468 9.48 27.84 -2.41
N LEU A 469 10.61 27.22 -2.72
CA LEU A 469 11.13 27.19 -4.09
C LEU A 469 10.37 26.14 -4.91
N ARG A 470 9.91 25.09 -4.23
CA ARG A 470 9.12 24.02 -4.84
C ARG A 470 7.77 24.54 -5.31
N LEU A 471 7.13 25.36 -4.46
CA LEU A 471 5.83 25.95 -4.78
C LEU A 471 5.94 26.98 -5.91
N SER A 472 7.09 27.65 -5.98
CA SER A 472 7.38 28.61 -7.05
C SER A 472 7.59 27.92 -8.39
N MET A 473 8.02 26.66 -8.34
CA MET A 473 8.20 25.83 -9.53
C MET A 473 6.88 25.20 -9.96
N GLN A 474 6.15 24.64 -8.98
CA GLN A 474 4.89 23.94 -9.22
C GLN A 474 3.79 24.82 -9.80
N LYS A 475 3.73 26.07 -9.34
CA LYS A 475 2.68 27.01 -9.77
C LYS A 475 3.04 27.68 -11.10
N SER A 476 4.33 27.78 -11.39
CA SER A 476 4.80 28.35 -12.65
C SER A 476 4.55 27.42 -13.83
N MET A 477 4.66 26.11 -13.57
CA MET A 477 4.41 25.10 -14.59
C MET A 477 2.91 24.94 -14.87
N GLN A 478 2.10 25.14 -13.84
CA GLN A 478 0.64 24.99 -13.94
C GLN A 478 0.00 26.09 -14.79
N SER A 479 0.60 27.28 -14.76
CA SER A 479 0.07 28.45 -15.47
C SER A 479 0.63 28.63 -16.87
N HIS A 480 1.89 28.23 -17.07
CA HIS A 480 2.58 28.42 -18.36
C HIS A 480 2.55 27.17 -19.25
N ALA A 481 2.62 25.99 -18.64
CA ALA A 481 2.61 24.73 -19.37
C ALA A 481 1.36 23.90 -19.07
N ALA A 482 0.20 24.54 -19.19
CA ALA A 482 -1.09 23.89 -18.93
C ALA A 482 -1.54 23.02 -20.11
N VAL A 483 -2.84 22.80 -20.23
CA VAL A 483 -3.42 22.05 -21.34
C VAL A 483 -3.24 22.85 -22.64
N PHE A 484 -3.58 24.13 -22.59
CA PHE A 484 -3.31 25.07 -23.68
C PHE A 484 -2.11 25.94 -23.33
N ARG A 485 -1.22 26.13 -24.30
CA ARG A 485 -0.03 26.95 -24.11
C ARG A 485 0.42 27.64 -25.39
N VAL A 486 0.58 28.96 -25.30
CA VAL A 486 0.98 29.80 -26.43
C VAL A 486 2.48 30.10 -26.35
N GLY A 487 3.10 30.35 -27.51
CA GLY A 487 4.53 30.64 -27.60
C GLY A 487 5.02 31.75 -26.69
N SER A 488 4.23 32.81 -26.56
CA SER A 488 4.55 33.94 -25.69
C SER A 488 4.42 33.58 -24.21
N VAL A 489 3.47 32.70 -23.90
CA VAL A 489 3.25 32.22 -22.53
C VAL A 489 4.35 31.23 -22.12
N LEU A 490 4.76 30.39 -23.07
CA LEU A 490 5.79 29.39 -22.84
C LEU A 490 7.19 30.01 -22.69
N GLN A 491 7.48 31.02 -23.49
CA GLN A 491 8.77 31.72 -23.46
C GLN A 491 8.99 32.45 -22.14
N GLU A 492 7.90 32.99 -21.58
CA GLU A 492 7.93 33.64 -20.27
C GLU A 492 8.22 32.62 -19.17
N GLY A 493 7.65 31.43 -19.31
CA GLY A 493 7.88 30.33 -18.37
C GLY A 493 9.30 29.81 -18.40
N CYS A 494 9.88 29.73 -19.61
CA CYS A 494 11.25 29.24 -19.80
C CYS A 494 12.29 30.07 -19.05
N GLU A 495 12.24 31.38 -19.23
CA GLU A 495 13.15 32.31 -18.55
C GLU A 495 12.81 32.48 -17.07
N LYS A 496 11.62 32.00 -16.68
CA LYS A 496 11.18 32.03 -15.29
C LYS A 496 11.72 30.83 -14.52
N ILE A 497 11.70 29.66 -15.16
CA ILE A 497 12.24 28.43 -14.58
C ILE A 497 13.78 28.50 -14.48
N LEU A 498 14.40 29.13 -15.49
CA LEU A 498 15.85 29.36 -15.50
C LEU A 498 16.31 30.20 -14.32
N ARG A 499 15.49 31.20 -13.96
CA ARG A 499 15.75 32.06 -12.81
C ARG A 499 15.62 31.27 -11.50
N LEU A 500 14.72 30.30 -11.49
CA LEU A 500 14.51 29.45 -10.31
C LEU A 500 15.65 28.44 -10.12
N TYR A 501 16.32 28.10 -11.22
CA TYR A 501 17.47 27.18 -11.17
C TYR A 501 18.69 27.86 -10.56
N GLY A 502 18.80 29.17 -10.79
CA GLY A 502 19.87 29.98 -10.21
C GLY A 502 19.66 30.25 -8.73
N ASP A 503 18.49 29.84 -8.22
CA ASP A 503 18.16 29.97 -6.81
C ASP A 503 18.51 28.70 -6.03
N LEU A 504 18.90 27.65 -6.75
CA LEU A 504 19.28 26.36 -6.14
C LEU A 504 20.64 26.40 -5.44
N GLN A 505 21.17 27.61 -5.25
CA GLN A 505 22.39 27.82 -4.49
C GLN A 505 22.12 28.70 -3.26
N HIS A 506 20.96 29.34 -3.24
CA HIS A 506 20.51 30.14 -2.11
C HIS A 506 19.48 29.37 -1.27
N LEU A 507 19.51 28.04 -1.38
CA LEU A 507 18.56 27.19 -0.66
C LEU A 507 18.86 27.04 0.83
N LYS A 508 17.79 27.01 1.63
CA LYS A 508 17.90 26.93 3.08
C LYS A 508 17.38 25.59 3.60
N THR A 509 18.23 24.88 4.33
CA THR A 509 17.84 23.64 4.99
C THR A 509 17.99 23.76 6.51
N PHE A 510 17.27 22.94 7.25
CA PHE A 510 17.28 23.00 8.72
C PHE A 510 17.85 21.75 9.38
N ASP A 511 17.42 20.58 8.90
CA ASP A 511 17.90 19.31 9.43
C ASP A 511 19.35 19.06 9.04
N ARG A 512 20.14 18.59 10.00
CA ARG A 512 21.57 18.32 9.78
C ARG A 512 22.00 16.99 10.38
N GLY A 513 21.08 16.03 10.43
CA GLY A 513 21.36 14.68 10.92
C GLY A 513 21.64 13.71 9.80
N MET A 514 21.93 12.46 10.16
CA MET A 514 22.21 11.40 9.20
C MET A 514 21.01 10.47 9.03
N VAL A 515 20.41 10.07 10.14
CA VAL A 515 19.27 9.16 10.15
C VAL A 515 18.00 9.88 9.68
N TRP A 516 17.42 9.38 8.60
CA TRP A 516 16.15 9.88 8.04
C TRP A 516 16.06 11.41 7.95
N ASN A 517 16.79 11.97 7.01
CA ASN A 517 16.74 13.41 6.75
C ASN A 517 15.78 13.72 5.60
N THR A 518 14.50 13.85 5.92
CA THR A 518 13.46 14.16 4.93
C THR A 518 13.59 15.57 4.38
N ASP A 519 14.27 16.44 5.12
CA ASP A 519 14.57 17.79 4.67
C ASP A 519 15.67 17.79 3.60
N LEU A 520 16.45 16.72 3.56
CA LEU A 520 17.54 16.57 2.61
C LEU A 520 17.13 15.81 1.35
N VAL A 521 16.36 14.74 1.52
CA VAL A 521 15.94 13.90 0.38
C VAL A 521 14.92 14.59 -0.53
N GLU A 522 14.09 15.45 0.06
CA GLU A 522 13.10 16.21 -0.71
C GLU A 522 13.76 17.35 -1.49
N THR A 523 14.91 17.82 -1.00
CA THR A 523 15.69 18.84 -1.70
C THR A 523 16.49 18.19 -2.83
N LEU A 524 16.82 16.92 -2.68
CA LEU A 524 17.40 16.12 -3.76
C LEU A 524 16.35 15.87 -4.84
N GLU A 525 15.10 15.67 -4.39
CA GLU A 525 13.95 15.55 -5.28
C GLU A 525 13.72 16.85 -6.04
N LEU A 526 13.98 17.98 -5.37
CA LEU A 526 13.87 19.30 -5.98
C LEU A 526 14.89 19.51 -7.11
N GLN A 527 16.11 19.01 -6.90
CA GLN A 527 17.16 19.03 -7.92
C GLN A 527 16.72 18.22 -9.15
N ASN A 528 16.09 17.08 -8.88
CA ASN A 528 15.56 16.20 -9.92
C ASN A 528 14.34 16.79 -10.62
N LEU A 529 13.48 17.45 -9.85
CA LEU A 529 12.26 18.08 -10.37
C LEU A 529 12.56 19.27 -11.28
N MET A 530 13.52 20.10 -10.87
CA MET A 530 13.94 21.26 -11.66
C MET A 530 14.49 20.85 -13.02
N LEU A 531 15.42 19.91 -13.03
CA LEU A 531 16.03 19.40 -14.26
C LEU A 531 15.01 18.79 -15.21
N CYS A 532 13.94 18.23 -14.64
CA CYS A 532 12.82 17.73 -15.43
C CYS A 532 11.92 18.86 -15.91
N ALA A 533 11.80 19.91 -15.10
CA ALA A 533 10.96 21.07 -15.42
C ALA A 533 11.55 21.93 -16.54
N LEU A 534 12.87 22.11 -16.51
CA LEU A 534 13.59 22.88 -17.54
C LEU A 534 13.41 22.27 -18.94
N GLN A 535 13.55 20.94 -19.02
CA GLN A 535 13.46 20.22 -20.28
C GLN A 535 12.03 20.10 -20.79
N THR A 536 11.06 20.20 -19.88
CA THR A 536 9.64 20.15 -20.23
C THR A 536 9.18 21.47 -20.88
N ILE A 537 9.57 22.59 -20.28
CA ILE A 537 9.13 23.92 -20.71
C ILE A 537 9.84 24.40 -21.99
N TYR A 538 11.14 24.11 -22.10
CA TYR A 538 11.93 24.51 -23.27
C TYR A 538 11.60 23.66 -24.50
N GLY A 539 11.31 22.37 -24.26
CA GLY A 539 10.90 21.47 -25.33
C GLY A 539 9.52 21.80 -25.86
N ALA A 540 8.69 22.41 -25.01
CA ALA A 540 7.34 22.83 -25.38
C ALA A 540 7.34 24.13 -26.21
N GLU A 541 8.22 25.06 -25.85
CA GLU A 541 8.30 26.35 -26.53
C GLU A 541 8.93 26.23 -27.92
N ALA A 542 9.77 25.22 -28.09
CA ALA A 542 10.46 24.97 -29.37
C ALA A 542 9.55 24.27 -30.37
N ARG A 543 8.68 23.39 -29.87
CA ARG A 543 7.75 22.65 -30.72
C ARG A 543 6.62 23.54 -31.21
N LYS A 544 6.54 23.69 -32.54
CA LYS A 544 5.59 24.62 -33.16
C LYS A 544 4.42 23.87 -33.82
N GLU A 545 3.72 23.05 -33.03
CA GLU A 545 2.59 22.26 -33.54
C GLU A 545 1.62 21.82 -32.44
N SER A 546 0.43 21.39 -32.85
CA SER A 546 -0.56 20.80 -31.94
C SER A 546 -0.66 19.29 -32.18
N ARG A 547 0.06 18.52 -31.34
CA ARG A 547 0.11 17.07 -31.47
C ARG A 547 -0.10 16.41 -30.10
N GLY A 548 -1.16 15.61 -30.01
CA GLY A 548 -1.47 14.87 -28.77
C GLY A 548 -1.80 15.78 -27.60
N ALA A 549 -1.07 15.57 -26.50
CA ALA A 549 -1.25 16.38 -25.29
C ALA A 549 -0.66 17.77 -25.43
N HIS A 550 0.38 17.90 -26.25
CA HIS A 550 1.00 19.19 -26.53
C HIS A 550 0.19 19.94 -27.60
N ALA A 551 -0.55 20.96 -27.15
CA ALA A 551 -1.41 21.73 -28.04
C ALA A 551 -1.04 23.21 -28.03
N ARG A 552 -0.55 23.70 -29.16
CA ARG A 552 -0.22 25.11 -29.33
C ARG A 552 -1.41 25.87 -29.91
N GLU A 553 -1.75 27.00 -29.29
CA GLU A 553 -2.85 27.83 -29.75
C GLU A 553 -2.48 28.58 -31.03
N ASP A 554 -1.24 29.06 -31.10
CA ASP A 554 -0.73 29.75 -32.28
C ASP A 554 -0.44 28.79 -33.44
N PHE A 555 -0.05 27.55 -33.09
CA PHE A 555 0.21 26.50 -34.07
C PHE A 555 -0.77 25.34 -33.88
N LYS A 556 -1.98 25.51 -34.43
CA LYS A 556 -3.02 24.49 -34.33
C LYS A 556 -2.82 23.33 -35.31
N GLU A 557 -1.92 23.55 -36.28
CA GLU A 557 -1.65 22.57 -37.33
C GLU A 557 -0.88 21.36 -36.80
N ARG A 558 -1.12 20.20 -37.42
CA ARG A 558 -0.40 18.97 -37.10
C ARG A 558 0.65 18.75 -38.18
N VAL A 559 1.87 19.19 -37.90
CA VAL A 559 2.95 19.21 -38.91
C VAL A 559 3.63 17.86 -39.07
N ASP A 560 3.40 17.21 -40.20
CA ASP A 560 4.05 15.96 -40.55
C ASP A 560 4.97 16.15 -41.75
N GLU A 561 5.61 15.07 -42.22
CA GLU A 561 6.48 15.12 -43.39
C GLU A 561 5.68 15.44 -44.65
N TYR A 562 4.45 14.93 -44.70
CA TYR A 562 3.50 15.24 -45.76
C TYR A 562 2.22 15.82 -45.15
N ASP A 563 1.40 16.44 -45.99
CA ASP A 563 0.06 16.83 -45.59
C ASP A 563 -0.84 15.60 -45.74
N TYR A 564 -0.94 14.82 -44.67
CA TYR A 564 -1.62 13.52 -44.69
C TYR A 564 -3.15 13.60 -44.78
N SER A 565 -3.68 14.81 -44.92
CA SER A 565 -5.11 15.01 -45.16
C SER A 565 -5.46 14.65 -46.61
N LYS A 566 -4.60 15.06 -47.53
CA LYS A 566 -4.76 14.76 -48.96
C LYS A 566 -3.95 13.51 -49.34
N PRO A 567 -4.29 12.86 -50.48
CA PRO A 567 -3.59 11.66 -50.94
C PRO A 567 -2.09 11.84 -51.09
N ILE A 568 -1.34 10.76 -50.82
CA ILE A 568 0.11 10.77 -50.86
C ILE A 568 0.67 10.23 -52.19
N GLN A 569 1.08 11.15 -53.06
CA GLN A 569 1.75 10.82 -54.33
C GLN A 569 2.33 12.06 -54.98
N GLY A 570 1.46 12.99 -55.39
CA GLY A 570 1.89 14.26 -55.98
C GLY A 570 2.27 15.27 -54.92
N GLN A 571 3.31 14.93 -54.15
CA GLN A 571 3.74 15.71 -52.99
C GLN A 571 5.19 15.38 -52.66
N GLN A 572 6.04 16.41 -52.61
CA GLN A 572 7.45 16.23 -52.27
C GLN A 572 7.64 16.20 -50.76
N LYS A 573 8.58 15.36 -50.32
CA LYS A 573 8.86 15.18 -48.90
C LYS A 573 9.57 16.38 -48.28
N LYS A 574 9.08 16.80 -47.11
CA LYS A 574 9.71 17.88 -46.35
C LYS A 574 10.99 17.38 -45.67
N PRO A 575 12.04 18.22 -45.68
CA PRO A 575 13.30 17.89 -44.99
C PRO A 575 13.09 17.63 -43.50
N PHE A 576 13.97 16.81 -42.92
CA PHE A 576 13.85 16.39 -41.52
C PHE A 576 13.74 17.56 -40.54
N GLN A 577 14.51 18.61 -40.77
CA GLN A 577 14.53 19.79 -39.90
C GLN A 577 13.50 20.85 -40.32
N GLU A 578 12.38 20.39 -40.90
CA GLU A 578 11.29 21.27 -41.31
C GLU A 578 9.96 20.85 -40.69
N HIS A 579 9.72 19.55 -40.63
CA HIS A 579 8.50 19.02 -40.00
C HIS A 579 8.71 18.73 -38.51
N TRP A 580 7.62 18.44 -37.80
CA TRP A 580 7.68 18.24 -36.35
C TRP A 580 7.27 16.84 -35.87
N ARG A 581 7.20 15.90 -36.81
CA ARG A 581 6.91 14.50 -36.49
C ARG A 581 8.21 13.76 -36.13
N LYS A 582 8.80 14.15 -35.01
CA LYS A 582 10.08 13.60 -34.55
C LYS A 582 10.21 13.72 -33.04
N HIS A 583 11.05 12.87 -32.45
CA HIS A 583 11.27 12.84 -31.01
C HIS A 583 12.12 14.01 -30.54
N THR A 584 11.70 14.64 -29.45
CA THR A 584 12.44 15.74 -28.84
C THR A 584 13.45 15.20 -27.84
N LEU A 585 14.73 15.29 -28.19
CA LEU A 585 15.82 14.88 -27.29
C LEU A 585 16.38 16.10 -26.59
N SER A 586 16.38 16.06 -25.26
CA SER A 586 16.75 17.21 -24.44
C SER A 586 17.99 16.96 -23.59
N TYR A 587 18.99 17.83 -23.77
CA TYR A 587 20.18 17.86 -22.93
C TYR A 587 20.14 19.15 -22.13
N VAL A 588 20.63 19.09 -20.89
CA VAL A 588 20.78 20.30 -20.08
C VAL A 588 22.06 20.26 -19.23
N ASP A 589 22.87 21.32 -19.35
CA ASP A 589 24.09 21.48 -18.55
C ASP A 589 23.71 21.76 -17.10
N VAL A 590 24.27 20.97 -16.20
CA VAL A 590 23.92 21.01 -14.78
C VAL A 590 24.40 22.29 -14.09
N LYS A 591 25.54 22.81 -14.54
CA LYS A 591 26.20 23.95 -13.88
C LYS A 591 25.55 25.30 -14.20
N THR A 592 25.10 25.49 -15.43
CA THR A 592 24.50 26.76 -15.86
C THR A 592 22.98 26.67 -16.03
N GLY A 593 22.48 25.47 -16.29
CA GLY A 593 21.06 25.26 -16.55
C GLY A 593 20.70 25.57 -17.99
N LYS A 594 21.63 25.30 -18.90
CA LYS A 594 21.45 25.58 -20.32
C LYS A 594 20.83 24.39 -21.04
N VAL A 595 19.61 24.57 -21.54
CA VAL A 595 18.90 23.53 -22.26
C VAL A 595 19.25 23.56 -23.74
N SER A 596 19.81 22.46 -24.23
CA SER A 596 20.12 22.30 -25.65
C SER A 596 19.32 21.13 -26.23
N LEU A 597 18.71 21.36 -27.39
CA LEU A 597 17.79 20.38 -27.98
C LEU A 597 18.23 19.91 -29.36
N GLU A 598 18.05 18.62 -29.61
CA GLU A 598 18.16 18.04 -30.95
C GLU A 598 17.08 16.96 -31.13
N TYR A 599 16.92 16.46 -32.34
CA TYR A 599 15.78 15.59 -32.66
C TYR A 599 16.18 14.33 -33.42
N ARG A 600 15.50 13.23 -33.11
CA ARG A 600 15.71 11.97 -33.82
C ARG A 600 14.42 11.44 -34.46
N PRO A 601 14.55 10.72 -35.60
CA PRO A 601 13.39 10.22 -36.33
C PRO A 601 12.56 9.22 -35.53
N VAL A 602 11.24 9.21 -35.79
CA VAL A 602 10.34 8.23 -35.20
C VAL A 602 10.41 6.90 -35.96
N ILE A 603 10.29 5.80 -35.23
CA ILE A 603 10.31 4.48 -35.85
C ILE A 603 8.92 4.15 -36.37
N ASP A 604 8.82 3.92 -37.67
CA ASP A 604 7.54 3.57 -38.31
C ASP A 604 7.43 2.09 -38.62
N LYS A 605 8.57 1.45 -38.94
CA LYS A 605 8.60 0.03 -39.25
C LYS A 605 8.25 -0.84 -38.04
N THR A 606 7.49 -1.90 -38.29
CA THR A 606 7.12 -2.86 -37.26
C THR A 606 8.16 -3.98 -37.19
N LEU A 607 7.95 -4.94 -36.28
CA LEU A 607 8.85 -6.10 -36.15
C LEU A 607 8.69 -7.08 -37.30
N ASN A 608 7.47 -7.18 -37.83
CA ASN A 608 7.17 -7.99 -39.01
C ASN A 608 5.98 -7.42 -39.77
N GLU A 609 6.22 -6.99 -41.01
CA GLU A 609 5.20 -6.37 -41.86
C GLU A 609 4.07 -7.34 -42.21
N ALA A 610 4.43 -8.61 -42.39
CA ALA A 610 3.47 -9.66 -42.75
C ALA A 610 2.55 -10.03 -41.59
N ASP A 611 3.10 -10.05 -40.38
CA ASP A 611 2.34 -10.39 -39.18
C ASP A 611 1.53 -9.20 -38.65
N CYS A 612 2.06 -8.00 -38.86
CA CYS A 612 1.40 -6.76 -38.45
C CYS A 612 1.75 -5.61 -39.38
N ALA A 613 0.74 -5.06 -40.05
CA ALA A 613 0.92 -4.00 -41.04
C ALA A 613 1.26 -2.66 -40.42
N THR A 614 2.16 -1.92 -41.07
CA THR A 614 2.53 -0.57 -40.66
C THR A 614 1.39 0.40 -40.99
N VAL A 615 0.89 1.08 -39.96
CA VAL A 615 -0.21 2.03 -40.12
C VAL A 615 0.34 3.45 -40.34
N PRO A 616 0.11 4.02 -41.55
CA PRO A 616 0.59 5.35 -41.91
C PRO A 616 -0.19 6.46 -41.20
N PRO A 617 0.42 7.66 -41.05
CA PRO A 617 -0.24 8.81 -40.44
C PRO A 617 -1.54 9.21 -41.14
N ALA A 618 -2.49 9.70 -40.36
CA ALA A 618 -3.80 10.13 -40.87
C ALA A 618 -4.41 11.25 -40.02
N ILE A 619 -5.56 11.76 -40.44
CA ILE A 619 -6.29 12.78 -39.70
C ILE A 619 -6.84 12.18 -38.40
N ARG A 620 -6.48 12.79 -37.28
CA ARG A 620 -6.82 12.26 -35.96
C ARG A 620 -7.98 13.01 -35.30
N SER A 621 -9.10 12.32 -35.14
CA SER A 621 -10.27 12.83 -34.44
C SER A 621 -11.25 11.70 -34.13
N TYR A 622 -11.81 11.73 -32.92
CA TYR A 622 -12.78 10.73 -32.49
C TYR A 622 -14.21 11.30 -32.50
N PRO B 9 -8.66 34.29 10.88
CA PRO B 9 -7.77 33.25 11.40
C PRO B 9 -8.53 32.14 12.13
N ARG B 10 -7.96 30.94 12.13
CA ARG B 10 -8.56 29.79 12.81
C ARG B 10 -7.46 28.82 13.26
N ILE B 11 -6.99 29.02 14.49
CA ILE B 11 -5.83 28.29 15.02
C ILE B 11 -6.19 26.91 15.56
N LYS B 12 -5.44 25.91 15.12
CA LYS B 12 -5.57 24.53 15.58
C LYS B 12 -4.25 24.03 16.14
N LYS B 13 -4.30 23.39 17.30
CA LYS B 13 -3.11 22.90 17.99
C LYS B 13 -2.78 21.44 17.67
N PHE B 14 -1.50 21.17 17.43
CA PHE B 14 -1.02 19.82 17.16
C PHE B 14 0.17 19.47 18.06
N ALA B 15 0.00 18.44 18.88
CA ALA B 15 1.09 17.94 19.73
C ALA B 15 1.66 16.66 19.14
N ILE B 16 2.93 16.70 18.75
CA ILE B 16 3.57 15.61 18.01
C ILE B 16 4.78 15.02 18.72
N TYR B 17 4.91 13.69 18.64
CA TYR B 17 6.03 12.94 19.21
C TYR B 17 7.31 13.18 18.41
N ARG B 18 8.37 13.56 19.11
CA ARG B 18 9.65 13.89 18.47
C ARG B 18 10.84 13.22 19.14
N TRP B 19 11.67 12.57 18.34
CA TRP B 19 12.93 11.98 18.82
C TRP B 19 14.02 12.03 17.74
N ASP B 20 15.11 12.72 18.04
CA ASP B 20 16.25 12.83 17.14
C ASP B 20 17.39 11.93 17.61
N PRO B 21 17.80 10.96 16.76
CA PRO B 21 18.90 10.05 17.07
C PRO B 21 20.28 10.65 16.77
N ASP B 22 20.34 11.96 16.57
CA ASP B 22 21.59 12.66 16.27
C ASP B 22 21.90 13.77 17.29
N LYS B 23 21.05 13.92 18.30
CA LYS B 23 21.19 14.97 19.29
C LYS B 23 21.86 14.46 20.59
N THR B 24 22.65 13.40 20.46
CA THR B 24 23.43 12.81 21.56
C THR B 24 22.60 12.48 22.80
N GLY B 25 21.93 11.32 22.78
CA GLY B 25 21.10 10.85 23.89
C GLY B 25 19.93 11.76 24.19
N ASP B 26 19.23 12.18 23.14
CA ASP B 26 18.07 13.06 23.27
C ASP B 26 16.86 12.29 23.77
N LYS B 27 16.10 12.91 24.69
CA LYS B 27 14.88 12.30 25.21
C LYS B 27 13.70 12.48 24.25
N PRO B 28 12.79 11.48 24.20
CA PRO B 28 11.57 11.62 23.40
C PRO B 28 10.60 12.62 24.03
N HIS B 29 10.46 13.77 23.38
CA HIS B 29 9.62 14.85 23.90
C HIS B 29 8.57 15.31 22.89
N MET B 30 7.46 15.81 23.40
CA MET B 30 6.37 16.32 22.57
C MET B 30 6.66 17.76 22.13
N GLN B 31 6.16 18.11 20.94
CA GLN B 31 6.36 19.45 20.39
C GLN B 31 5.05 20.00 19.82
N THR B 32 4.66 21.18 20.29
CA THR B 32 3.40 21.80 19.89
C THR B 32 3.57 22.69 18.65
N TYR B 33 2.68 22.51 17.68
CA TYR B 33 2.67 23.32 16.47
C TYR B 33 1.30 23.94 16.24
N GLU B 34 1.29 25.23 15.87
CA GLU B 34 0.05 25.96 15.60
C GLU B 34 -0.15 26.21 14.11
N ILE B 35 -1.35 25.90 13.62
CA ILE B 35 -1.67 25.98 12.20
C ILE B 35 -3.02 26.69 11.97
N ASP B 36 -3.02 27.62 11.02
CA ASP B 36 -4.25 28.26 10.57
C ASP B 36 -5.03 27.27 9.71
N LEU B 37 -6.11 26.73 10.27
CA LEU B 37 -6.91 25.68 9.63
C LEU B 37 -7.62 26.16 8.38
N ASN B 38 -7.91 27.47 8.32
CA ASN B 38 -8.56 28.08 7.16
C ASN B 38 -7.68 28.07 5.90
N ASN B 39 -6.36 28.04 6.11
CA ASN B 39 -5.40 27.97 5.02
C ASN B 39 -4.67 26.62 4.95
N CYS B 40 -5.40 25.56 5.28
CA CYS B 40 -4.85 24.20 5.27
C CYS B 40 -5.86 23.18 4.75
N GLY B 41 -5.36 22.01 4.35
CA GLY B 41 -6.21 20.92 3.86
C GLY B 41 -7.07 20.30 4.94
N PRO B 42 -8.03 19.45 4.55
CA PRO B 42 -8.97 18.85 5.50
C PRO B 42 -8.36 17.72 6.33
N MET B 43 -7.31 17.09 5.82
CA MET B 43 -6.73 15.89 6.44
C MET B 43 -5.54 16.19 7.34
N VAL B 44 -5.24 15.24 8.23
CA VAL B 44 -4.12 15.36 9.17
C VAL B 44 -2.77 15.43 8.44
N LEU B 45 -2.63 14.64 7.37
CA LEU B 45 -1.41 14.62 6.56
C LEU B 45 -1.10 16.00 5.97
N ASP B 46 -2.14 16.70 5.54
CA ASP B 46 -2.01 18.06 5.02
C ASP B 46 -1.45 19.01 6.07
N ALA B 47 -1.83 18.80 7.33
CA ALA B 47 -1.32 19.59 8.45
C ALA B 47 0.12 19.24 8.77
N LEU B 48 0.45 17.95 8.71
CA LEU B 48 1.82 17.47 8.94
C LEU B 48 2.77 17.96 7.84
N ILE B 49 2.27 18.03 6.62
CA ILE B 49 3.00 18.58 5.48
C ILE B 49 3.21 20.09 5.67
N LYS B 50 2.19 20.76 6.19
CA LYS B 50 2.22 22.22 6.37
C LYS B 50 3.30 22.68 7.35
N ILE B 51 3.44 21.99 8.48
CA ILE B 51 4.47 22.36 9.47
C ILE B 51 5.87 22.00 8.96
N LYS B 52 5.95 20.95 8.13
CA LYS B 52 7.19 20.53 7.49
C LYS B 52 7.64 21.57 6.47
N ASN B 53 6.67 22.12 5.73
CA ASN B 53 6.93 23.07 4.66
C ASN B 53 7.06 24.53 5.12
N GLU B 54 6.52 24.84 6.30
CA GLU B 54 6.46 26.22 6.77
C GLU B 54 7.10 26.45 8.14
N ILE B 55 6.65 25.69 9.14
CA ILE B 55 7.06 25.93 10.53
C ILE B 55 8.43 25.33 10.85
N ASP B 56 8.55 24.01 10.71
CA ASP B 56 9.77 23.30 11.06
C ASP B 56 10.02 22.11 10.13
N SER B 57 11.07 22.22 9.31
CA SER B 57 11.45 21.15 8.39
C SER B 57 12.40 20.15 9.06
N THR B 58 11.98 19.62 10.21
CA THR B 58 12.74 18.63 10.96
C THR B 58 11.83 17.44 11.28
N LEU B 59 10.53 17.64 11.17
CA LEU B 59 9.55 16.58 11.36
C LEU B 59 9.66 15.56 10.24
N THR B 60 10.12 14.37 10.60
CA THR B 60 10.31 13.28 9.65
C THR B 60 9.07 12.38 9.68
N PHE B 61 8.54 12.06 8.50
CA PHE B 61 7.39 11.15 8.40
C PHE B 61 7.26 10.52 7.01
N ARG B 62 6.64 9.33 6.97
CA ARG B 62 6.39 8.62 5.71
C ARG B 62 5.11 9.10 5.06
N ARG B 63 5.21 9.51 3.80
CA ARG B 63 4.05 9.92 3.00
C ARG B 63 4.28 9.59 1.53
N SER B 64 3.19 9.34 0.79
CA SER B 64 3.29 9.03 -0.63
C SER B 64 2.04 9.38 -1.44
N CYS B 65 1.03 8.52 -1.38
CA CYS B 65 -0.14 8.62 -2.25
C CYS B 65 -1.12 9.73 -1.89
N ARG B 66 -1.09 10.17 -0.62
CA ARG B 66 -2.08 11.11 -0.05
C ARG B 66 -3.53 10.79 -0.42
N GLU B 67 -3.78 9.53 -0.77
CA GLU B 67 -5.05 9.07 -1.31
C GLU B 67 -5.73 8.05 -0.40
N GLY B 68 -4.92 7.37 0.42
CA GLY B 68 -5.43 6.36 1.35
C GLY B 68 -5.34 4.94 0.81
N ILE B 69 -4.42 4.73 -0.12
CA ILE B 69 -4.25 3.43 -0.78
C ILE B 69 -2.79 3.02 -0.97
N CYS B 70 -1.93 3.41 -0.03
CA CYS B 70 -0.54 2.95 -0.03
C CYS B 70 -0.08 2.50 1.35
N GLY B 71 -0.55 3.19 2.39
CA GLY B 71 -0.30 2.80 3.77
C GLY B 71 1.00 3.32 4.37
N SER B 72 1.50 4.43 3.83
CA SER B 72 2.74 5.04 4.29
C SER B 72 2.53 5.93 5.53
N CYS B 73 1.48 6.75 5.47
CA CYS B 73 1.20 7.74 6.52
C CYS B 73 0.52 7.16 7.76
N ALA B 74 0.54 5.84 7.89
CA ALA B 74 -0.11 5.15 9.00
C ALA B 74 0.55 5.49 10.34
N MET B 75 -0.24 6.07 11.24
CA MET B 75 0.22 6.48 12.55
C MET B 75 -0.92 6.55 13.58
N ASN B 76 -0.57 6.83 14.83
CA ASN B 76 -1.56 6.95 15.91
C ASN B 76 -2.03 8.39 16.10
N ILE B 77 -3.27 8.65 15.71
CA ILE B 77 -3.89 9.96 15.89
C ILE B 77 -5.00 9.86 16.94
N ASN B 78 -4.83 10.61 18.03
CA ASN B 78 -5.79 10.65 19.14
C ASN B 78 -6.15 9.26 19.71
N GLY B 79 -5.15 8.39 19.77
CA GLY B 79 -5.32 7.04 20.32
C GLY B 79 -5.84 6.01 19.32
N GLY B 80 -5.88 6.38 18.04
CA GLY B 80 -6.36 5.49 16.99
C GLY B 80 -5.38 5.37 15.84
N ASN B 81 -5.11 4.14 15.43
CA ASN B 81 -4.17 3.88 14.33
C ASN B 81 -4.85 3.93 12.97
N THR B 82 -4.81 5.10 12.34
CA THR B 82 -5.39 5.29 11.01
C THR B 82 -4.45 6.07 10.10
N LEU B 83 -4.81 6.15 8.82
CA LEU B 83 -4.05 6.92 7.84
C LEU B 83 -4.32 8.41 8.00
N ALA B 84 -3.26 9.21 7.95
CA ALA B 84 -3.35 10.67 8.13
C ALA B 84 -4.03 11.38 6.96
N CYS B 85 -4.09 10.71 5.81
CA CYS B 85 -4.74 11.25 4.62
C CYS B 85 -6.20 10.83 4.52
N THR B 86 -6.62 9.93 5.41
CA THR B 86 -8.02 9.49 5.47
C THR B 86 -8.74 10.18 6.63
N ARG B 87 -8.09 10.22 7.80
CA ARG B 87 -8.63 10.89 8.97
C ARG B 87 -8.53 12.40 8.82
N ARG B 88 -9.68 13.07 8.92
CA ARG B 88 -9.73 14.52 8.81
C ARG B 88 -9.47 15.21 10.15
N ILE B 89 -8.97 16.44 10.09
CA ILE B 89 -8.67 17.23 11.28
C ILE B 89 -9.94 17.54 12.08
N ASP B 90 -9.87 17.31 13.38
CA ASP B 90 -10.98 17.60 14.30
C ASP B 90 -11.30 19.10 14.28
N THR B 91 -12.48 19.42 13.77
CA THR B 91 -12.94 20.81 13.62
C THR B 91 -13.06 21.56 14.95
N ASN B 92 -13.23 20.81 16.04
CA ASN B 92 -13.28 21.37 17.39
C ASN B 92 -11.93 22.00 17.75
N LEU B 93 -11.90 23.33 17.75
CA LEU B 93 -10.66 24.10 17.92
C LEU B 93 -10.17 24.12 19.37
N ASP B 94 -11.05 23.74 20.30
CA ASP B 94 -10.71 23.74 21.73
C ASP B 94 -9.98 22.46 22.18
N LYS B 95 -9.67 21.59 21.22
CA LYS B 95 -8.93 20.35 21.51
C LYS B 95 -7.62 20.30 20.75
N VAL B 96 -6.61 19.72 21.39
CA VAL B 96 -5.29 19.52 20.79
C VAL B 96 -5.14 18.08 20.29
N SER B 97 -4.87 17.93 18.99
CA SER B 97 -4.71 16.61 18.38
C SER B 97 -3.35 16.00 18.72
N LYS B 98 -3.38 14.94 19.52
CA LYS B 98 -2.18 14.23 19.93
C LYS B 98 -1.72 13.27 18.83
N ILE B 99 -0.53 13.51 18.30
CA ILE B 99 0.02 12.71 17.21
C ILE B 99 1.20 11.86 17.68
N TYR B 100 1.03 10.54 17.56
CA TYR B 100 2.03 9.57 17.98
C TYR B 100 2.34 8.57 16.86
N PRO B 101 3.50 7.88 16.94
CA PRO B 101 3.77 6.77 16.02
C PRO B 101 2.99 5.51 16.39
N LEU B 102 3.09 4.48 15.55
CA LEU B 102 2.41 3.21 15.78
C LEU B 102 2.86 2.57 17.09
N PRO B 103 1.90 2.10 17.92
CA PRO B 103 2.14 1.59 19.28
C PRO B 103 3.12 0.42 19.35
N HIS B 104 3.93 0.41 20.42
CA HIS B 104 4.93 -0.64 20.69
C HIS B 104 5.76 -1.02 19.46
N MET B 105 6.39 -0.01 18.86
CA MET B 105 7.27 -0.21 17.71
C MET B 105 8.56 0.58 17.91
N TYR B 106 9.66 0.05 17.39
CA TYR B 106 10.97 0.70 17.50
C TYR B 106 11.02 1.99 16.69
N VAL B 107 11.23 3.10 17.40
CA VAL B 107 11.22 4.43 16.81
C VAL B 107 12.57 4.75 16.17
N ILE B 108 12.56 4.95 14.86
CA ILE B 108 13.78 5.33 14.11
C ILE B 108 14.00 6.83 14.24
N LYS B 109 12.95 7.61 13.98
CA LYS B 109 12.95 9.06 14.20
C LYS B 109 11.53 9.50 14.54
N ASP B 110 11.20 10.75 14.26
CA ASP B 110 9.86 11.29 14.56
C ASP B 110 8.79 10.52 13.80
N LEU B 111 7.93 9.81 14.53
CA LEU B 111 6.78 9.09 13.94
C LEU B 111 7.15 8.01 12.91
N VAL B 112 8.42 7.64 12.84
CA VAL B 112 8.90 6.63 11.88
C VAL B 112 9.28 5.33 12.59
N PRO B 113 8.44 4.29 12.45
CA PRO B 113 8.71 3.00 13.09
C PRO B 113 9.45 1.99 12.20
N ASP B 114 10.19 1.08 12.84
CA ASP B 114 10.90 0.01 12.13
C ASP B 114 9.93 -1.14 11.85
N LEU B 115 9.58 -1.29 10.58
CA LEU B 115 8.59 -2.30 10.16
C LEU B 115 9.24 -3.53 9.51
N SER B 116 10.56 -3.66 9.66
CA SER B 116 11.32 -4.75 9.07
C SER B 116 10.81 -6.12 9.49
N ASN B 117 10.48 -6.25 10.78
CA ASN B 117 9.90 -7.47 11.33
C ASN B 117 8.50 -7.75 10.78
N PHE B 118 7.72 -6.67 10.62
CA PHE B 118 6.36 -6.76 10.09
C PHE B 118 6.33 -7.35 8.67
N TYR B 119 7.22 -6.86 7.80
CA TYR B 119 7.30 -7.34 6.43
C TYR B 119 7.88 -8.75 6.34
N ALA B 120 8.77 -9.07 7.27
CA ALA B 120 9.40 -10.39 7.33
C ALA B 120 8.38 -11.48 7.68
N GLN B 121 7.44 -11.13 8.56
CA GLN B 121 6.35 -12.03 8.92
C GLN B 121 5.44 -12.28 7.71
N TYR B 122 5.24 -11.24 6.91
CA TYR B 122 4.45 -11.33 5.68
C TYR B 122 5.15 -12.18 4.62
N LYS B 123 6.48 -12.26 4.72
CA LYS B 123 7.28 -13.10 3.83
C LYS B 123 7.24 -14.57 4.26
N SER B 124 7.04 -14.80 5.56
CA SER B 124 7.09 -16.15 6.13
C SER B 124 5.84 -16.99 5.86
N ILE B 125 4.77 -16.36 5.40
CA ILE B 125 3.52 -17.06 5.07
C ILE B 125 3.44 -17.48 3.60
N GLU B 126 4.33 -16.92 2.78
CA GLU B 126 4.37 -17.16 1.33
C GLU B 126 3.11 -16.65 0.63
N PRO B 127 3.04 -15.33 0.36
CA PRO B 127 1.86 -14.72 -0.24
C PRO B 127 1.87 -14.76 -1.78
N TYR B 128 1.83 -15.97 -2.33
CA TYR B 128 1.80 -16.18 -3.78
C TYR B 128 1.10 -17.50 -4.12
N LEU B 129 0.56 -17.58 -5.34
CA LEU B 129 -0.16 -18.76 -5.77
C LEU B 129 0.79 -19.94 -5.96
N LYS B 130 0.51 -21.02 -5.23
CA LYS B 130 1.30 -22.24 -5.31
C LYS B 130 0.49 -23.38 -5.91
N LYS B 131 0.98 -23.90 -7.05
CA LYS B 131 0.34 -25.01 -7.74
C LYS B 131 1.18 -26.28 -7.57
N LYS B 132 0.51 -27.44 -7.57
CA LYS B 132 1.18 -28.73 -7.51
C LYS B 132 1.97 -28.99 -8.79
N ASP B 133 1.38 -28.61 -9.92
CA ASP B 133 2.03 -28.69 -11.23
C ASP B 133 2.23 -27.28 -11.77
N GLU B 134 3.48 -26.94 -12.07
CA GLU B 134 3.84 -25.58 -12.48
C GLU B 134 4.29 -25.52 -13.94
N SER B 135 4.19 -26.65 -14.63
CA SER B 135 4.66 -26.77 -16.02
C SER B 135 3.77 -26.07 -17.04
N GLN B 136 2.53 -25.77 -16.64
CA GLN B 136 1.55 -25.15 -17.54
C GLN B 136 1.27 -23.69 -17.18
N GLU B 137 2.25 -23.01 -16.58
CA GLU B 137 2.10 -21.60 -16.17
C GLU B 137 2.45 -20.63 -17.31
N GLY B 138 1.87 -19.44 -17.24
CA GLY B 138 2.16 -18.35 -18.18
C GLY B 138 1.73 -18.60 -19.62
N LYS B 139 0.70 -19.42 -19.80
CA LYS B 139 0.18 -19.73 -21.14
C LYS B 139 -1.35 -19.76 -21.19
N GLN B 140 -1.97 -20.22 -20.11
CA GLN B 140 -3.43 -20.25 -20.02
C GLN B 140 -3.93 -19.76 -18.66
N GLN B 141 -4.93 -18.88 -18.69
CA GLN B 141 -5.53 -18.31 -17.50
C GLN B 141 -6.30 -19.35 -16.69
N TYR B 142 -6.10 -19.33 -15.37
CA TYR B 142 -6.79 -20.25 -14.47
C TYR B 142 -8.24 -19.81 -14.25
N LEU B 143 -9.14 -20.78 -14.24
CA LEU B 143 -10.57 -20.52 -14.13
C LEU B 143 -11.02 -20.27 -12.69
N GLN B 144 -11.85 -19.24 -12.53
CA GLN B 144 -12.47 -18.91 -11.25
C GLN B 144 -13.85 -18.29 -11.51
N SER B 145 -14.87 -18.82 -10.85
CA SER B 145 -16.24 -18.32 -11.02
C SER B 145 -16.45 -17.03 -10.23
N ILE B 146 -17.49 -16.29 -10.58
CA ILE B 146 -17.87 -15.06 -9.86
C ILE B 146 -18.26 -15.35 -8.41
N GLU B 147 -18.71 -16.57 -8.16
CA GLU B 147 -19.10 -17.02 -6.83
C GLU B 147 -17.86 -17.27 -5.97
N GLU B 148 -16.84 -17.89 -6.58
CA GLU B 148 -15.56 -18.13 -5.91
C GLU B 148 -14.74 -16.85 -5.77
N ARG B 149 -14.97 -15.90 -6.68
CA ARG B 149 -14.27 -14.62 -6.69
C ARG B 149 -14.70 -13.72 -5.53
N GLU B 150 -15.99 -13.76 -5.19
CA GLU B 150 -16.55 -12.95 -4.12
C GLU B 150 -16.02 -13.31 -2.73
N LYS B 151 -15.45 -14.51 -2.60
CA LYS B 151 -14.87 -14.97 -1.34
C LYS B 151 -13.55 -14.28 -1.01
N LEU B 152 -12.93 -13.66 -2.03
CA LEU B 152 -11.69 -12.91 -1.85
C LEU B 152 -11.95 -11.46 -1.47
N ASP B 153 -13.16 -10.98 -1.73
CA ASP B 153 -13.57 -9.61 -1.39
C ASP B 153 -13.46 -9.35 0.11
N GLY B 154 -12.93 -8.19 0.45
CA GLY B 154 -12.70 -7.81 1.85
C GLY B 154 -11.44 -8.41 2.44
N LEU B 155 -10.60 -9.02 1.58
CA LEU B 155 -9.36 -9.65 2.01
C LEU B 155 -8.15 -9.19 1.20
N TYR B 156 -8.33 -9.10 -0.12
CA TYR B 156 -7.25 -8.66 -1.02
C TYR B 156 -6.99 -7.16 -0.92
N GLU B 157 -7.99 -6.40 -0.47
CA GLU B 157 -7.92 -4.95 -0.37
C GLU B 157 -6.87 -4.43 0.62
N CYS B 158 -6.44 -5.30 1.53
CA CYS B 158 -5.44 -4.94 2.54
C CYS B 158 -4.24 -4.27 1.90
N ILE B 159 -3.91 -3.09 2.42
CA ILE B 159 -2.86 -2.25 1.85
C ILE B 159 -1.54 -2.38 2.62
N LEU B 160 -1.57 -3.18 3.68
CA LEU B 160 -0.42 -3.41 4.57
C LEU B 160 0.07 -2.13 5.25
N CYS B 161 -0.89 -1.39 5.82
CA CYS B 161 -0.59 -0.15 6.55
C CYS B 161 -0.04 -0.45 7.94
N ALA B 162 -0.23 -1.68 8.40
CA ALA B 162 0.23 -2.16 9.71
C ALA B 162 -0.49 -1.51 10.88
N CYS B 163 -1.73 -1.07 10.65
CA CYS B 163 -2.54 -0.44 11.70
C CYS B 163 -3.16 -1.47 12.64
N CYS B 164 -3.69 -2.55 12.07
CA CYS B 164 -4.39 -3.58 12.83
C CYS B 164 -3.46 -4.41 13.72
N SER B 165 -2.29 -4.75 13.18
CA SER B 165 -1.31 -5.54 13.92
C SER B 165 -0.70 -4.75 15.08
N THR B 166 -0.46 -3.47 14.85
CA THR B 166 0.14 -2.61 15.88
C THR B 166 -0.86 -2.16 16.94
N SER B 167 -2.15 -2.37 16.68
CA SER B 167 -3.21 -2.05 17.64
C SER B 167 -3.48 -3.24 18.55
N CYS B 168 -3.07 -4.43 18.10
CA CYS B 168 -3.28 -5.66 18.84
C CYS B 168 -2.35 -5.74 20.05
N PRO B 169 -2.93 -5.89 21.26
CA PRO B 169 -2.17 -6.02 22.50
C PRO B 169 -1.32 -7.29 22.55
N SER B 170 -1.78 -8.37 21.93
CA SER B 170 -1.01 -9.61 21.82
C SER B 170 0.26 -9.42 20.99
N TYR B 171 0.15 -8.57 19.96
CA TYR B 171 1.28 -8.24 19.10
C TYR B 171 2.26 -7.28 19.78
N TRP B 172 1.81 -6.63 20.85
CA TRP B 172 2.68 -5.78 21.66
C TRP B 172 3.66 -6.63 22.47
N TRP B 173 3.12 -7.49 23.32
CA TRP B 173 3.93 -8.31 24.22
C TRP B 173 4.64 -9.46 23.49
N ASN B 174 3.99 -9.99 22.47
CA ASN B 174 4.53 -11.14 21.72
C ASN B 174 4.74 -10.84 20.23
N GLY B 175 5.31 -9.68 19.93
CA GLY B 175 5.55 -9.25 18.56
C GLY B 175 6.54 -10.08 17.79
N ASP B 176 7.43 -10.76 18.52
CA ASP B 176 8.47 -11.58 17.91
C ASP B 176 7.96 -12.88 17.32
N LYS B 177 7.06 -13.54 18.04
CA LYS B 177 6.60 -14.89 17.67
C LYS B 177 5.19 -14.92 17.08
N TYR B 178 4.38 -13.91 17.39
CA TYR B 178 3.02 -13.82 16.85
C TYR B 178 2.99 -12.95 15.59
N LEU B 179 2.39 -13.48 14.54
CA LEU B 179 2.40 -12.87 13.21
C LEU B 179 1.58 -11.57 13.13
N GLY B 180 0.42 -11.57 13.79
CA GLY B 180 -0.45 -10.39 13.79
C GLY B 180 -1.54 -10.43 12.73
N PRO B 181 -2.62 -9.67 12.95
CA PRO B 181 -3.83 -9.59 12.10
C PRO B 181 -3.55 -9.43 10.61
N ALA B 182 -2.77 -8.42 10.25
CA ALA B 182 -2.48 -8.10 8.85
C ALA B 182 -1.90 -9.28 8.09
N VAL B 183 -0.89 -9.91 8.69
CA VAL B 183 -0.21 -11.05 8.09
C VAL B 183 -1.14 -12.27 8.05
N LEU B 184 -1.86 -12.51 9.14
CA LEU B 184 -2.80 -13.63 9.25
C LEU B 184 -3.95 -13.54 8.26
N MET B 185 -4.40 -12.30 7.97
CA MET B 185 -5.45 -12.07 7.00
C MET B 185 -4.99 -12.45 5.61
N GLN B 186 -3.72 -12.19 5.31
CA GLN B 186 -3.12 -12.54 4.02
C GLN B 186 -2.88 -14.03 3.89
N ALA B 187 -2.59 -14.69 5.01
CA ALA B 187 -2.47 -16.13 5.06
C ALA B 187 -3.81 -16.77 4.72
N TYR B 188 -4.89 -16.17 5.24
CA TYR B 188 -6.25 -16.59 4.94
C TYR B 188 -6.64 -16.23 3.50
N ARG B 189 -6.10 -15.11 3.00
CA ARG B 189 -6.37 -14.61 1.65
C ARG B 189 -5.93 -15.61 0.58
N TRP B 190 -4.86 -16.37 0.86
CA TRP B 190 -4.36 -17.38 -0.05
C TRP B 190 -4.90 -18.78 0.27
N MET B 191 -5.66 -18.89 1.36
CA MET B 191 -6.27 -20.15 1.75
C MET B 191 -7.57 -20.44 0.98
N ILE B 192 -8.49 -19.48 0.96
CA ILE B 192 -9.78 -19.66 0.31
C ILE B 192 -9.71 -19.49 -1.22
N ASP B 193 -8.59 -18.96 -1.71
CA ASP B 193 -8.37 -18.80 -3.14
C ASP B 193 -8.43 -20.16 -3.83
N SER B 194 -9.48 -20.35 -4.64
CA SER B 194 -9.78 -21.63 -5.28
C SER B 194 -8.66 -22.12 -6.20
N ARG B 195 -7.81 -21.19 -6.65
CA ARG B 195 -6.69 -21.52 -7.53
C ARG B 195 -5.53 -22.19 -6.78
N ASP B 196 -5.29 -21.76 -5.54
CA ASP B 196 -4.19 -22.29 -4.74
C ASP B 196 -4.42 -23.74 -4.32
N ASP B 197 -3.36 -24.53 -4.39
CA ASP B 197 -3.42 -25.97 -4.08
C ASP B 197 -2.80 -26.30 -2.73
N PHE B 198 -1.93 -25.43 -2.24
CA PHE B 198 -1.21 -25.65 -0.99
C PHE B 198 -1.98 -25.12 0.23
N THR B 199 -3.25 -25.48 0.32
CA THR B 199 -4.13 -25.00 1.40
C THR B 199 -3.86 -25.70 2.74
N GLU B 200 -3.54 -26.99 2.68
CA GLU B 200 -3.30 -27.78 3.89
C GLU B 200 -2.05 -27.35 4.66
N GLU B 201 -0.93 -27.23 3.95
CA GLU B 201 0.36 -26.91 4.57
C GLU B 201 0.47 -25.45 5.03
N ARG B 202 -0.36 -24.58 4.47
CA ARG B 202 -0.47 -23.19 4.94
C ARG B 202 -1.03 -23.16 6.36
N LEU B 203 -1.95 -24.07 6.64
CA LEU B 203 -2.51 -24.25 7.98
C LEU B 203 -1.52 -24.97 8.89
N ALA B 204 -0.75 -25.88 8.31
CA ALA B 204 0.24 -26.66 9.05
C ALA B 204 1.42 -25.81 9.52
N LYS B 205 1.62 -24.66 8.86
CA LYS B 205 2.67 -23.72 9.23
C LYS B 205 2.30 -22.94 10.50
N LEU B 206 1.02 -22.99 10.85
CA LEU B 206 0.50 -22.30 12.04
C LEU B 206 0.32 -23.25 13.23
N GLN B 207 0.88 -24.45 13.13
CA GLN B 207 0.72 -25.48 14.17
C GLN B 207 1.65 -25.29 15.37
N ASP B 208 1.64 -24.08 15.93
CA ASP B 208 2.40 -23.76 17.14
C ASP B 208 1.64 -22.71 17.95
N PRO B 209 1.85 -22.69 19.28
CA PRO B 209 1.08 -21.82 20.18
C PRO B 209 1.23 -20.31 19.96
N PHE B 210 2.16 -19.90 19.10
CA PHE B 210 2.46 -18.48 18.92
C PHE B 210 2.06 -17.86 17.58
N SER B 211 2.22 -18.61 16.49
CA SER B 211 1.97 -18.09 15.14
C SER B 211 0.53 -17.59 14.94
N LEU B 212 -0.44 -18.44 15.26
CA LEU B 212 -1.85 -18.09 15.13
C LEU B 212 -2.53 -17.98 16.49
N TYR B 213 -2.25 -18.94 17.37
CA TYR B 213 -2.99 -19.11 18.61
C TYR B 213 -2.63 -18.12 19.73
N ARG B 214 -2.02 -16.99 19.36
CA ARG B 214 -1.76 -15.92 20.32
C ARG B 214 -2.85 -14.85 20.25
N CYS B 215 -3.76 -15.02 19.30
CA CYS B 215 -4.95 -14.18 19.20
C CYS B 215 -5.98 -14.64 20.21
N HIS B 216 -6.57 -13.68 20.93
CA HIS B 216 -7.59 -13.98 21.93
C HIS B 216 -8.87 -13.18 21.66
N THR B 217 -9.07 -12.82 20.39
CA THR B 217 -10.20 -12.01 19.92
C THR B 217 -10.44 -10.74 20.75
N ILE B 218 -9.37 -9.97 20.94
CA ILE B 218 -9.43 -8.68 21.63
C ILE B 218 -10.17 -7.66 20.76
N MET B 219 -9.98 -7.79 19.45
CA MET B 219 -10.76 -7.04 18.44
C MET B 219 -10.44 -5.55 18.34
N ASN B 220 -9.16 -5.21 18.52
CA ASN B 220 -8.69 -3.84 18.27
C ASN B 220 -8.27 -3.65 16.82
N CYS B 221 -8.08 -4.78 16.13
CA CYS B 221 -7.59 -4.79 14.75
C CYS B 221 -8.63 -4.32 13.74
N THR B 222 -9.87 -4.79 13.90
CA THR B 222 -10.97 -4.38 13.02
C THR B 222 -11.42 -2.95 13.36
N GLY B 223 -11.42 -2.63 14.65
CA GLY B 223 -11.87 -1.34 15.14
C GLY B 223 -11.04 -0.15 14.71
N THR B 224 -9.81 -0.40 14.26
CA THR B 224 -8.89 0.67 13.86
C THR B 224 -8.55 0.68 12.38
N CYS B 225 -8.92 -0.39 11.66
CA CYS B 225 -8.62 -0.52 10.24
C CYS B 225 -9.12 0.67 9.42
N PRO B 226 -8.20 1.33 8.68
CA PRO B 226 -8.55 2.50 7.87
C PRO B 226 -9.39 2.16 6.64
N LYS B 227 -9.24 0.93 6.15
CA LYS B 227 -9.94 0.47 4.95
C LYS B 227 -11.25 -0.25 5.28
N GLY B 228 -11.57 -0.32 6.58
CA GLY B 228 -12.82 -0.93 7.05
C GLY B 228 -12.89 -2.44 6.91
N LEU B 229 -11.72 -3.08 6.83
CA LEU B 229 -11.62 -4.52 6.67
C LEU B 229 -11.77 -5.23 8.02
N ASN B 230 -12.00 -6.54 7.96
CA ASN B 230 -12.25 -7.34 9.15
C ASN B 230 -11.22 -8.48 9.31
N PRO B 231 -10.04 -8.17 9.89
CA PRO B 231 -9.00 -9.18 10.06
C PRO B 231 -9.35 -10.21 11.14
N GLY B 232 -9.95 -9.76 12.23
CA GLY B 232 -10.32 -10.64 13.35
C GLY B 232 -11.30 -11.73 12.96
N LYS B 233 -12.27 -11.38 12.13
CA LYS B 233 -13.23 -12.34 11.57
C LYS B 233 -12.51 -13.36 10.69
N ALA B 234 -11.52 -12.89 9.93
CA ALA B 234 -10.70 -13.75 9.08
C ALA B 234 -9.80 -14.67 9.89
N ILE B 235 -9.32 -14.18 11.04
CA ILE B 235 -8.48 -14.98 11.95
C ILE B 235 -9.30 -16.10 12.59
N ALA B 236 -10.49 -15.75 13.09
CA ALA B 236 -11.40 -16.73 13.69
C ALA B 236 -11.85 -17.78 12.70
N GLU B 237 -11.88 -17.41 11.42
CA GLU B 237 -12.25 -18.33 10.34
C GLU B 237 -11.13 -19.31 10.03
N ILE B 238 -9.88 -18.88 10.23
CA ILE B 238 -8.72 -19.77 10.12
C ILE B 238 -8.80 -20.84 11.21
N LYS B 239 -9.08 -20.40 12.43
CA LYS B 239 -9.18 -21.28 13.59
C LYS B 239 -10.19 -22.41 13.37
N LYS B 240 -11.25 -22.11 12.63
CA LYS B 240 -12.26 -23.11 12.28
C LYS B 240 -11.75 -24.12 11.25
N MET B 241 -10.92 -23.64 10.33
CA MET B 241 -10.28 -24.50 9.32
C MET B 241 -9.21 -25.39 9.95
N MET B 242 -8.55 -24.86 10.97
CA MET B 242 -7.47 -25.57 11.68
C MET B 242 -7.97 -26.80 12.42
N ALA B 243 -9.22 -26.74 12.89
CA ALA B 243 -9.81 -27.82 13.68
C ALA B 243 -10.61 -28.82 12.83
N THR B 244 -10.76 -28.53 11.54
CA THR B 244 -11.59 -29.34 10.65
C THR B 244 -10.83 -30.03 9.50
N TYR B 245 -9.64 -29.54 9.18
CA TYR B 245 -8.87 -30.08 8.05
C TYR B 245 -8.28 -31.46 8.37
N LYS B 246 -8.44 -32.39 7.43
CA LYS B 246 -8.00 -33.78 7.60
C LYS B 246 -6.58 -34.01 7.07
N GLU B 247 -6.05 -35.20 7.34
CA GLU B 247 -4.71 -35.62 6.94
C GLU B 247 -3.60 -34.79 7.61
N THR C 3 18.60 -13.26 0.90
CA THR C 3 18.11 -13.31 2.31
C THR C 3 16.75 -14.02 2.42
N THR C 4 16.50 -14.64 3.57
CA THR C 4 15.24 -15.34 3.82
C THR C 4 14.42 -14.64 4.90
N ALA C 5 13.14 -15.01 5.00
CA ALA C 5 12.22 -14.44 5.99
C ALA C 5 12.68 -14.63 7.43
N LYS C 6 13.24 -15.81 7.71
CA LYS C 6 13.75 -16.16 9.03
C LYS C 6 15.01 -15.36 9.39
N GLU C 7 15.82 -15.08 8.38
CA GLU C 7 17.04 -14.29 8.54
C GLU C 7 16.74 -12.81 8.74
N GLU C 8 15.67 -12.34 8.11
CA GLU C 8 15.24 -10.94 8.21
C GLU C 8 14.77 -10.58 9.61
N MET C 9 14.11 -11.55 10.26
CA MET C 9 13.65 -11.39 11.65
C MET C 9 14.82 -11.38 12.63
N GLU C 10 15.80 -12.25 12.37
CA GLU C 10 16.96 -12.40 13.25
C GLU C 10 17.85 -11.16 13.20
N ARG C 11 17.96 -10.55 12.02
CA ARG C 11 18.74 -9.33 11.82
C ARG C 11 18.01 -8.08 12.30
N PHE C 12 16.69 -8.20 12.48
CA PHE C 12 15.85 -7.11 12.97
C PHE C 12 16.15 -6.79 14.44
N TRP C 13 16.19 -7.84 15.27
CA TRP C 13 16.36 -7.67 16.71
C TRP C 13 17.78 -7.27 17.10
N ASN C 14 18.76 -7.72 16.34
CA ASN C 14 20.16 -7.37 16.58
C ASN C 14 20.46 -5.89 16.36
N LYS C 15 19.69 -5.26 15.47
CA LYS C 15 19.85 -3.84 15.15
C LYS C 15 19.08 -2.95 16.13
N ASN C 16 18.04 -3.50 16.76
CA ASN C 16 17.17 -2.74 17.67
C ASN C 16 17.51 -2.88 19.15
N LEU C 17 17.80 -4.10 19.58
CA LEU C 17 18.11 -4.38 21.00
C LEU C 17 19.43 -3.74 21.43
N GLY C 18 20.39 -3.70 20.52
CA GLY C 18 21.69 -3.07 20.77
C GLY C 18 21.77 -1.67 20.18
N SER C 19 20.73 -0.88 20.41
CA SER C 19 20.67 0.50 19.90
C SER C 19 19.99 1.45 20.89
N ASN C 20 20.03 2.74 20.56
CA ASN C 20 19.42 3.79 21.39
C ASN C 20 17.96 4.07 21.03
N ARG C 21 17.41 3.28 20.11
CA ARG C 21 16.03 3.44 19.66
C ARG C 21 15.02 3.09 20.76
N PRO C 22 14.10 4.03 21.07
CA PRO C 22 13.10 3.80 22.12
C PRO C 22 11.83 3.15 21.60
N LEU C 23 11.12 2.45 22.47
CA LEU C 23 9.81 1.89 22.13
C LEU C 23 8.76 2.99 22.14
N SER C 24 7.91 2.99 21.12
CA SER C 24 6.81 3.94 21.02
C SER C 24 5.77 3.69 22.12
N PRO C 25 5.19 4.77 22.68
CA PRO C 25 4.17 4.64 23.71
C PRO C 25 2.98 3.80 23.23
N HIS C 26 2.51 2.90 24.09
CA HIS C 26 1.45 1.95 23.72
C HIS C 26 0.20 2.11 24.58
N ILE C 27 0.28 1.72 25.85
CA ILE C 27 -0.86 1.73 26.76
C ILE C 27 -1.19 3.13 27.27
N THR C 28 -0.18 4.00 27.29
CA THR C 28 -0.30 5.35 27.81
C THR C 28 -1.13 6.26 26.90
N ILE C 29 -1.13 5.95 25.60
CA ILE C 29 -1.67 6.86 24.59
C ILE C 29 -2.91 6.33 23.85
N TYR C 30 -3.05 5.01 23.77
CA TYR C 30 -4.11 4.39 22.95
C TYR C 30 -5.50 4.58 23.56
N ARG C 31 -6.47 4.80 22.68
CA ARG C 31 -7.86 5.06 23.07
C ARG C 31 -8.51 3.83 23.72
N TRP C 32 -9.24 4.07 24.80
CA TRP C 32 -9.92 3.02 25.54
C TRP C 32 -11.15 2.52 24.79
N SER C 33 -11.12 1.24 24.43
CA SER C 33 -12.21 0.59 23.73
C SER C 33 -13.03 -0.26 24.69
N LEU C 34 -14.33 -0.39 24.42
CA LEU C 34 -15.19 -1.29 25.19
C LEU C 34 -14.83 -2.77 24.97
N PRO C 35 -14.56 -3.17 23.70
CA PRO C 35 -14.10 -4.55 23.46
C PRO C 35 -12.76 -4.86 24.12
N MET C 36 -11.89 -3.86 24.22
CA MET C 36 -10.57 -4.03 24.83
C MET C 36 -10.69 -4.14 26.36
N ALA C 37 -11.46 -3.24 26.96
CA ALA C 37 -11.66 -3.22 28.41
C ALA C 37 -12.35 -4.49 28.92
N MET C 38 -13.32 -4.98 28.14
CA MET C 38 -14.06 -6.20 28.48
C MET C 38 -13.20 -7.45 28.37
N SER C 39 -12.16 -7.39 27.55
CA SER C 39 -11.21 -8.49 27.39
C SER C 39 -10.27 -8.58 28.59
N ILE C 40 -9.89 -7.41 29.12
CA ILE C 40 -9.03 -7.31 30.30
C ILE C 40 -9.77 -7.86 31.53
N CYS C 41 -11.05 -7.48 31.65
CA CYS C 41 -11.91 -7.93 32.75
C CYS C 41 -12.16 -9.45 32.71
N HIS C 42 -12.20 -10.01 31.50
CA HIS C 42 -12.36 -11.45 31.31
C HIS C 42 -11.13 -12.21 31.84
N ARG C 43 -9.95 -11.67 31.56
CA ARG C 43 -8.69 -12.20 32.10
C ARG C 43 -8.59 -11.97 33.60
N GLY C 44 -9.07 -10.81 34.04
CA GLY C 44 -9.08 -10.47 35.46
C GLY C 44 -9.95 -11.40 36.28
N THR C 45 -11.18 -11.59 35.80
CA THR C 45 -12.13 -12.51 36.45
C THR C 45 -11.68 -13.96 36.33
N GLY C 46 -11.03 -14.29 35.22
CA GLY C 46 -10.47 -15.62 35.00
C GLY C 46 -9.47 -16.01 36.06
N ILE C 47 -8.51 -15.11 36.31
CA ILE C 47 -7.48 -15.34 37.32
C ILE C 47 -8.06 -15.31 38.74
N ALA C 48 -8.95 -14.36 39.00
CA ALA C 48 -9.60 -14.22 40.30
C ALA C 48 -10.41 -15.45 40.69
N LEU C 49 -11.13 -16.02 39.71
CA LEU C 49 -11.90 -17.24 39.91
C LEU C 49 -11.02 -18.46 40.11
N SER C 50 -9.97 -18.58 39.30
CA SER C 50 -9.00 -19.68 39.41
C SER C 50 -8.22 -19.62 40.71
N ALA C 51 -8.05 -18.41 41.25
CA ALA C 51 -7.42 -18.21 42.54
C ALA C 51 -8.33 -18.71 43.66
N GLY C 52 -9.63 -18.50 43.50
CA GLY C 52 -10.62 -18.94 44.49
C GLY C 52 -10.81 -20.44 44.51
N VAL C 53 -10.93 -21.04 43.32
CA VAL C 53 -11.09 -22.49 43.17
C VAL C 53 -9.89 -23.25 43.74
N SER C 54 -8.69 -22.76 43.41
CA SER C 54 -7.45 -23.36 43.91
C SER C 54 -7.25 -23.17 45.41
N LEU C 55 -7.67 -22.00 45.92
CA LEU C 55 -7.56 -21.69 47.34
C LEU C 55 -8.52 -22.54 48.18
N PHE C 56 -9.64 -22.94 47.56
CA PHE C 56 -10.63 -23.78 48.22
C PHE C 56 -10.14 -25.22 48.36
N GLY C 57 -9.57 -25.76 47.27
CA GLY C 57 -9.03 -27.11 47.26
C GLY C 57 -7.75 -27.25 48.05
N LEU C 58 -6.95 -26.19 48.07
CA LEU C 58 -5.67 -26.17 48.79
C LEU C 58 -5.87 -26.09 50.30
N SER C 59 -6.96 -25.43 50.72
CA SER C 59 -7.30 -25.30 52.13
C SER C 59 -7.85 -26.61 52.70
N ALA C 60 -8.49 -27.41 51.84
CA ALA C 60 -9.05 -28.71 52.23
C ALA C 60 -7.96 -29.72 52.59
N LEU C 61 -6.74 -29.47 52.13
CA LEU C 61 -5.60 -30.34 52.41
C LEU C 61 -4.74 -29.80 53.57
N LEU C 62 -4.44 -28.51 53.52
CA LEU C 62 -3.54 -27.88 54.48
C LEU C 62 -4.19 -27.58 55.83
N LEU C 63 -5.33 -26.87 55.80
CA LEU C 63 -6.02 -26.45 57.02
C LEU C 63 -6.81 -27.59 57.67
N PRO C 64 -6.74 -27.69 59.01
CA PRO C 64 -7.48 -28.73 59.74
C PRO C 64 -8.96 -28.38 59.91
N GLY C 65 -9.78 -29.39 60.18
CA GLY C 65 -11.22 -29.21 60.40
C GLY C 65 -12.05 -29.38 59.14
N ASN C 66 -13.29 -29.83 59.32
CA ASN C 66 -14.22 -30.03 58.21
C ASN C 66 -14.98 -28.75 57.82
N PHE C 67 -15.73 -28.82 56.73
CA PHE C 67 -16.46 -27.67 56.20
C PHE C 67 -17.56 -27.17 57.14
N GLU C 68 -18.18 -28.09 57.88
CA GLU C 68 -19.26 -27.76 58.82
C GLU C 68 -18.75 -26.88 59.97
N SER C 69 -17.52 -27.14 60.42
CA SER C 69 -16.88 -26.34 61.47
C SER C 69 -16.34 -25.02 60.94
N HIS C 70 -15.95 -25.00 59.67
CA HIS C 70 -15.42 -23.80 59.02
C HIS C 70 -16.45 -22.70 58.84
N LEU C 71 -17.71 -23.09 58.62
CA LEU C 71 -18.82 -22.15 58.51
C LEU C 71 -19.13 -21.47 59.83
N GLU C 72 -18.88 -22.18 60.93
CA GLU C 72 -19.15 -21.68 62.28
C GLU C 72 -18.27 -20.48 62.66
N LEU C 73 -17.08 -20.42 62.07
CA LEU C 73 -16.17 -19.29 62.25
C LEU C 73 -16.74 -18.02 61.62
N VAL C 74 -17.40 -18.18 60.48
CA VAL C 74 -18.08 -17.08 59.79
C VAL C 74 -19.33 -16.68 60.57
N LYS C 75 -19.99 -17.68 61.16
CA LYS C 75 -21.18 -17.48 61.99
C LYS C 75 -20.86 -16.82 63.33
N SER C 76 -19.61 -16.97 63.78
CA SER C 76 -19.15 -16.41 65.05
C SER C 76 -19.21 -14.88 65.07
N LEU C 77 -18.80 -14.27 63.96
CA LEU C 77 -18.88 -12.82 63.79
C LEU C 77 -20.33 -12.43 63.48
N CYS C 78 -20.73 -11.23 63.92
CA CYS C 78 -22.09 -10.73 63.76
C CYS C 78 -22.59 -10.84 62.31
N LEU C 79 -23.68 -11.59 62.13
CA LEU C 79 -24.26 -11.83 60.81
C LEU C 79 -25.00 -10.59 60.30
N GLY C 80 -24.27 -9.70 59.66
CA GLY C 80 -24.83 -8.48 59.09
C GLY C 80 -25.55 -8.76 57.78
N PRO C 81 -26.87 -8.51 57.73
CA PRO C 81 -27.69 -8.79 56.55
C PRO C 81 -27.23 -7.98 55.32
N THR C 82 -26.79 -6.75 55.54
CA THR C 82 -26.29 -5.89 54.48
C THR C 82 -24.79 -6.14 54.23
N LEU C 83 -24.17 -6.89 55.12
CA LEU C 83 -22.75 -7.23 55.00
C LEU C 83 -22.52 -8.57 54.31
N ILE C 84 -23.36 -9.55 54.65
CA ILE C 84 -23.32 -10.88 54.03
C ILE C 84 -23.77 -10.83 52.57
N TYR C 85 -24.78 -10.01 52.29
CA TYR C 85 -25.30 -9.82 50.93
C TYR C 85 -24.26 -9.19 50.00
N THR C 86 -23.52 -8.21 50.52
CA THR C 86 -22.48 -7.52 49.76
C THR C 86 -21.29 -8.43 49.48
N ALA C 87 -20.92 -9.24 50.48
CA ALA C 87 -19.83 -10.20 50.33
C ALA C 87 -20.21 -11.35 49.38
N LYS C 88 -21.49 -11.71 49.39
CA LYS C 88 -22.02 -12.76 48.52
C LYS C 88 -22.17 -12.26 47.08
N PHE C 89 -22.47 -10.97 46.95
CA PHE C 89 -22.56 -10.30 45.65
C PHE C 89 -21.20 -10.25 44.95
N GLY C 90 -20.14 -10.06 45.74
CA GLY C 90 -18.77 -10.00 45.24
C GLY C 90 -18.18 -11.35 44.84
N ILE C 91 -18.99 -12.41 44.94
CA ILE C 91 -18.60 -13.74 44.51
C ILE C 91 -19.19 -14.04 43.14
N VAL C 92 -20.50 -13.80 43.00
CA VAL C 92 -21.21 -14.06 41.73
C VAL C 92 -20.97 -12.98 40.66
N PHE C 93 -20.53 -11.80 41.08
CA PHE C 93 -20.25 -10.72 40.14
C PHE C 93 -19.08 -11.04 39.18
N PRO C 94 -17.93 -11.48 39.72
CA PRO C 94 -16.86 -11.91 38.81
C PRO C 94 -17.13 -13.27 38.17
N LEU C 95 -17.99 -14.06 38.78
CA LEU C 95 -18.33 -15.40 38.28
C LEU C 95 -19.28 -15.34 37.09
N MET C 96 -20.33 -14.54 37.21
CA MET C 96 -21.35 -14.45 36.17
C MET C 96 -20.93 -13.61 34.97
N TYR C 97 -20.05 -12.62 35.21
CA TYR C 97 -19.47 -11.84 34.12
C TYR C 97 -18.67 -12.75 33.18
N HIS C 98 -17.82 -13.58 33.77
CA HIS C 98 -16.99 -14.52 33.03
C HIS C 98 -17.83 -15.59 32.33
N THR C 99 -18.96 -15.94 32.93
CA THR C 99 -19.88 -16.93 32.38
C THR C 99 -20.60 -16.40 31.14
N TRP C 100 -21.18 -15.20 31.24
CA TRP C 100 -21.89 -14.58 30.12
C TRP C 100 -20.96 -14.14 29.00
N ASN C 101 -19.80 -13.58 29.36
CA ASN C 101 -18.78 -13.20 28.38
C ASN C 101 -18.06 -14.41 27.79
N GLY C 102 -18.05 -15.50 28.55
CA GLY C 102 -17.53 -16.79 28.08
C GLY C 102 -18.34 -17.32 26.91
N ILE C 103 -19.66 -17.16 27.00
CA ILE C 103 -20.57 -17.51 25.90
C ILE C 103 -20.27 -16.64 24.68
N ARG C 104 -20.05 -15.35 24.92
CA ARG C 104 -19.75 -14.39 23.84
C ARG C 104 -18.47 -14.77 23.09
N HIS C 105 -17.47 -15.27 23.82
CA HIS C 105 -16.25 -15.80 23.22
C HIS C 105 -16.52 -17.06 22.43
N LEU C 106 -17.39 -17.92 22.95
CA LEU C 106 -17.78 -19.17 22.27
C LEU C 106 -18.61 -18.90 21.02
N ILE C 107 -19.38 -17.82 21.04
CA ILE C 107 -20.14 -17.36 19.86
C ILE C 107 -19.16 -16.88 18.78
N TRP C 108 -18.11 -16.18 19.21
CA TRP C 108 -17.06 -15.71 18.31
C TRP C 108 -16.28 -16.86 17.67
N ASP C 109 -16.13 -17.95 18.42
CA ASP C 109 -15.41 -19.14 17.94
C ASP C 109 -16.18 -19.90 16.87
N LEU C 110 -17.50 -19.70 16.84
CA LEU C 110 -18.35 -20.19 15.76
C LEU C 110 -18.21 -19.32 14.51
N GLY C 111 -17.63 -18.14 14.68
CA GLY C 111 -17.40 -17.20 13.59
C GLY C 111 -18.56 -16.24 13.36
N LYS C 112 -19.36 -16.03 14.40
CA LYS C 112 -20.57 -15.21 14.30
C LYS C 112 -20.53 -14.00 15.24
N GLY C 113 -21.00 -12.87 14.73
CA GLY C 113 -21.10 -11.63 15.51
C GLY C 113 -19.77 -10.92 15.72
N LEU C 114 -18.96 -10.85 14.65
CA LEU C 114 -17.63 -10.27 14.74
C LEU C 114 -17.48 -8.91 14.03
N THR C 115 -18.58 -8.17 13.96
CA THR C 115 -18.57 -6.81 13.41
C THR C 115 -18.65 -5.77 14.52
N ILE C 116 -18.16 -4.56 14.23
CA ILE C 116 -18.09 -3.48 15.23
C ILE C 116 -19.42 -3.15 15.92
N PRO C 117 -20.53 -3.02 15.14
CA PRO C 117 -21.83 -2.82 15.80
C PRO C 117 -22.26 -4.01 16.66
N GLN C 118 -21.95 -5.23 16.19
CA GLN C 118 -22.31 -6.46 16.92
C GLN C 118 -21.50 -6.65 18.20
N LEU C 119 -20.26 -6.16 18.20
CA LEU C 119 -19.41 -6.19 19.39
C LEU C 119 -19.93 -5.27 20.49
N THR C 120 -20.38 -4.09 20.08
CA THR C 120 -20.89 -3.08 21.03
C THR C 120 -22.26 -3.47 21.57
N GLN C 121 -23.06 -4.15 20.74
CA GLN C 121 -24.39 -4.63 21.15
C GLN C 121 -24.28 -5.80 22.13
N SER C 122 -23.57 -6.86 21.73
CA SER C 122 -23.37 -8.03 22.58
C SER C 122 -22.54 -7.71 23.82
N GLY C 123 -21.70 -6.67 23.72
CA GLY C 123 -20.90 -6.19 24.85
C GLY C 123 -21.74 -5.61 25.97
N VAL C 124 -22.84 -4.95 25.60
CA VAL C 124 -23.77 -4.39 26.57
C VAL C 124 -24.69 -5.49 27.12
N VAL C 125 -25.15 -6.38 26.24
CA VAL C 125 -26.03 -7.50 26.63
C VAL C 125 -25.38 -8.38 27.70
N VAL C 126 -24.10 -8.68 27.53
CA VAL C 126 -23.32 -9.43 28.52
C VAL C 126 -23.19 -8.64 29.83
N LEU C 127 -22.92 -7.33 29.69
CA LEU C 127 -22.76 -6.44 30.84
C LEU C 127 -24.04 -6.32 31.67
N ILE C 128 -25.18 -6.29 30.99
CA ILE C 128 -26.49 -6.18 31.64
C ILE C 128 -26.93 -7.51 32.28
N LEU C 129 -26.74 -8.61 31.56
CA LEU C 129 -27.05 -9.95 32.09
C LEU C 129 -26.28 -10.26 33.36
N THR C 130 -25.05 -9.73 33.45
CA THR C 130 -24.21 -9.89 34.63
C THR C 130 -24.83 -9.25 35.87
N VAL C 131 -25.26 -7.99 35.73
CA VAL C 131 -25.89 -7.25 36.83
C VAL C 131 -27.16 -7.96 37.32
N LEU C 132 -27.96 -8.45 36.37
CA LEU C 132 -29.22 -9.14 36.68
C LEU C 132 -29.00 -10.50 37.35
N SER C 133 -28.04 -11.27 36.83
CA SER C 133 -27.72 -12.59 37.38
C SER C 133 -27.00 -12.51 38.72
N SER C 134 -26.24 -11.42 38.93
CA SER C 134 -25.51 -11.22 40.17
C SER C 134 -26.42 -10.76 41.31
N VAL C 135 -27.33 -9.82 41.01
CA VAL C 135 -28.33 -9.37 41.98
C VAL C 135 -29.34 -10.48 42.25
N GLY C 136 -29.71 -11.21 41.19
CA GLY C 136 -30.68 -12.30 41.27
C GLY C 136 -30.23 -13.50 42.11
N LEU C 137 -28.98 -13.90 41.92
CA LEU C 137 -28.43 -15.05 42.66
C LEU C 137 -28.06 -14.72 44.11
N ALA C 138 -27.76 -13.46 44.38
CA ALA C 138 -27.45 -13.01 45.74
C ALA C 138 -28.69 -13.05 46.66
N ALA C 139 -29.87 -13.11 46.04
CA ALA C 139 -31.14 -13.16 46.77
C ALA C 139 -31.76 -14.56 46.76
N MET C 140 -30.95 -15.58 46.48
CA MET C 140 -31.41 -16.97 46.46
C MET C 140 -31.52 -17.55 47.87
N SER D 2 1.30 -33.76 8.70
CA SER D 2 0.90 -32.76 9.73
C SER D 2 0.65 -33.42 11.09
N SER D 3 1.14 -32.78 12.15
CA SER D 3 0.91 -33.24 13.52
C SER D 3 0.28 -32.10 14.32
N LYS D 4 -1.04 -31.99 14.23
CA LYS D 4 -1.78 -30.87 14.83
C LYS D 4 -1.92 -30.97 16.36
N ALA D 5 -0.87 -30.56 17.07
CA ALA D 5 -0.85 -30.58 18.53
C ALA D 5 -1.50 -29.33 19.12
N ALA D 6 -1.18 -28.16 18.55
CA ALA D 6 -1.73 -26.89 19.01
C ALA D 6 -3.18 -26.70 18.57
N SER D 7 -3.56 -27.38 17.49
CA SER D 7 -4.92 -27.31 16.96
C SER D 7 -5.89 -28.13 17.80
N LEU D 8 -5.47 -29.34 18.20
CA LEU D 8 -6.28 -30.22 19.04
C LEU D 8 -6.42 -29.67 20.46
N HIS D 9 -5.38 -28.97 20.93
CA HIS D 9 -5.40 -28.34 22.25
C HIS D 9 -6.43 -27.21 22.33
N TRP D 10 -6.53 -26.46 21.24
CA TRP D 10 -7.50 -25.36 21.12
C TRP D 10 -8.94 -25.89 21.17
N THR D 11 -9.18 -27.00 20.48
CA THR D 11 -10.50 -27.63 20.45
C THR D 11 -10.91 -28.13 21.83
N GLY D 12 -9.97 -28.77 22.54
CA GLY D 12 -10.21 -29.27 23.89
C GLY D 12 -10.66 -28.18 24.86
N GLU D 13 -10.04 -27.01 24.76
CA GLU D 13 -10.39 -25.84 25.57
C GLU D 13 -11.83 -25.40 25.35
N ARG D 14 -12.30 -25.51 24.11
CA ARG D 14 -13.67 -25.14 23.75
C ARG D 14 -14.65 -26.25 24.13
N VAL D 15 -14.14 -27.48 24.18
CA VAL D 15 -14.95 -28.64 24.57
C VAL D 15 -15.26 -28.60 26.07
N VAL D 16 -14.26 -28.32 26.89
CA VAL D 16 -14.47 -28.20 28.35
C VAL D 16 -15.27 -26.95 28.71
N SER D 17 -15.24 -25.94 27.84
CA SER D 17 -15.98 -24.70 28.06
C SER D 17 -17.49 -24.90 27.94
N VAL D 18 -17.93 -25.57 26.87
CA VAL D 18 -19.36 -25.88 26.68
C VAL D 18 -19.83 -26.94 27.68
N LEU D 19 -18.89 -27.76 28.16
CA LEU D 19 -19.16 -28.74 29.19
C LEU D 19 -19.35 -28.06 30.54
N LEU D 20 -18.45 -27.14 30.88
CA LEU D 20 -18.51 -26.39 32.13
C LEU D 20 -19.72 -25.44 32.17
N LEU D 21 -20.08 -24.91 31.01
CA LEU D 21 -21.27 -24.08 30.87
C LEU D 21 -22.54 -24.90 31.08
N GLY D 22 -22.50 -26.16 30.65
CA GLY D 22 -23.63 -27.08 30.80
C GLY D 22 -23.76 -27.66 32.20
N LEU D 23 -22.63 -27.85 32.87
CA LEU D 23 -22.58 -28.50 34.18
C LEU D 23 -23.06 -27.61 35.34
N LEU D 24 -22.85 -26.30 35.23
CA LEU D 24 -23.24 -25.36 36.29
C LEU D 24 -24.75 -25.34 36.60
N PRO D 25 -25.60 -25.31 35.55
CA PRO D 25 -27.04 -25.45 35.81
C PRO D 25 -27.43 -26.89 36.13
N ALA D 26 -26.66 -27.85 35.62
CA ALA D 26 -26.89 -29.27 35.89
C ALA D 26 -26.63 -29.63 37.35
N ALA D 27 -25.69 -28.91 37.97
CA ALA D 27 -25.37 -29.09 39.38
C ALA D 27 -26.46 -28.51 40.28
N TYR D 28 -27.12 -27.45 39.81
CA TYR D 28 -28.26 -26.86 40.50
C TYR D 28 -29.48 -27.79 40.47
N LEU D 29 -29.66 -28.45 39.33
CA LEU D 29 -30.77 -29.39 39.15
C LEU D 29 -30.51 -30.72 39.84
N ASN D 30 -29.32 -31.27 39.64
CA ASN D 30 -28.92 -32.53 40.25
C ASN D 30 -27.62 -32.39 41.05
N PRO D 31 -27.73 -32.15 42.36
CA PRO D 31 -26.56 -31.97 43.22
C PRO D 31 -26.07 -33.29 43.83
N CYS D 32 -25.83 -34.27 42.97
CA CYS D 32 -25.40 -35.60 43.40
C CYS D 32 -23.89 -35.68 43.58
N SER D 33 -23.42 -36.79 44.14
CA SER D 33 -21.99 -37.04 44.34
C SER D 33 -21.26 -37.24 43.02
N ALA D 34 -21.95 -37.81 42.04
CA ALA D 34 -21.39 -38.03 40.70
C ALA D 34 -21.12 -36.71 39.97
N MET D 35 -21.97 -35.72 40.24
CA MET D 35 -21.82 -34.38 39.66
C MET D 35 -20.63 -33.64 40.29
N ASP D 36 -20.37 -33.92 41.56
CA ASP D 36 -19.30 -33.27 42.32
C ASP D 36 -17.91 -33.52 41.71
N TYR D 37 -17.65 -34.77 41.32
CA TYR D 37 -16.35 -35.14 40.75
C TYR D 37 -16.13 -34.61 39.34
N SER D 38 -17.19 -34.63 38.52
CA SER D 38 -17.13 -34.12 37.15
C SER D 38 -17.00 -32.61 37.10
N LEU D 39 -17.58 -31.94 38.11
CA LEU D 39 -17.46 -30.49 38.25
C LEU D 39 -16.06 -30.12 38.74
N ALA D 40 -15.51 -30.94 39.63
CA ALA D 40 -14.14 -30.76 40.13
C ALA D 40 -13.10 -31.01 39.03
N ALA D 41 -13.45 -31.89 38.10
CA ALA D 41 -12.59 -32.17 36.94
C ALA D 41 -12.64 -31.04 35.91
N ALA D 42 -13.83 -30.50 35.71
CA ALA D 42 -14.05 -29.43 34.74
C ALA D 42 -13.49 -28.08 35.21
N LEU D 43 -13.67 -27.77 36.49
CA LEU D 43 -13.16 -26.54 37.09
C LEU D 43 -11.63 -26.45 37.03
N THR D 44 -10.97 -27.56 37.33
CA THR D 44 -9.51 -27.60 37.39
C THR D 44 -8.85 -27.58 36.01
N LEU D 45 -9.39 -28.39 35.09
CA LEU D 45 -8.79 -28.55 33.76
C LEU D 45 -8.91 -27.27 32.95
N HIS D 46 -10.12 -26.70 32.88
CA HIS D 46 -10.37 -25.44 32.19
C HIS D 46 -9.55 -24.30 32.80
N GLY D 47 -9.45 -24.30 34.13
CA GLY D 47 -8.64 -23.32 34.86
C GLY D 47 -7.16 -23.46 34.59
N HIS D 48 -6.68 -24.70 34.46
CA HIS D 48 -5.29 -24.99 34.17
C HIS D 48 -4.90 -24.51 32.77
N TRP D 49 -5.75 -24.82 31.79
CA TRP D 49 -5.55 -24.36 30.42
C TRP D 49 -5.79 -22.86 30.26
N GLY D 50 -6.50 -22.29 31.22
CA GLY D 50 -6.73 -20.84 31.27
C GLY D 50 -5.47 -20.09 31.61
N ILE D 51 -4.87 -20.42 32.76
CA ILE D 51 -3.61 -19.82 33.21
C ILE D 51 -2.47 -20.17 32.25
N GLY D 52 -2.56 -21.33 31.60
CA GLY D 52 -1.58 -21.76 30.60
C GLY D 52 -1.44 -20.77 29.46
N GLN D 53 -2.56 -20.13 29.10
CA GLN D 53 -2.57 -19.08 28.07
C GLN D 53 -2.01 -17.77 28.62
N VAL D 54 -2.26 -17.52 29.91
CA VAL D 54 -1.76 -16.32 30.60
C VAL D 54 -0.23 -16.37 30.71
N VAL D 55 0.29 -17.54 31.08
CA VAL D 55 1.73 -17.76 31.22
C VAL D 55 2.46 -17.55 29.89
N THR D 56 1.95 -18.16 28.83
CA THR D 56 2.55 -18.05 27.50
C THR D 56 2.44 -16.66 26.87
N ASP D 57 1.75 -15.77 27.56
CA ASP D 57 1.55 -14.39 27.09
C ASP D 57 2.51 -13.39 27.75
N TYR D 58 2.67 -13.50 29.07
CA TYR D 58 3.45 -12.52 29.83
C TYR D 58 4.85 -12.99 30.22
N VAL D 59 5.00 -14.29 30.47
CA VAL D 59 6.30 -14.87 30.79
C VAL D 59 7.18 -14.90 29.54
N ARG D 60 8.40 -14.37 29.66
CA ARG D 60 9.28 -14.17 28.51
C ARG D 60 9.73 -15.46 27.82
N GLY D 61 9.96 -16.50 28.61
CA GLY D 61 10.21 -17.84 28.06
C GLY D 61 11.64 -18.34 28.13
N ASP D 62 11.83 -19.59 27.71
CA ASP D 62 13.13 -20.26 27.59
C ASP D 62 13.92 -20.45 28.89
N ALA D 63 13.43 -19.87 29.99
CA ALA D 63 14.08 -20.00 31.30
C ALA D 63 13.04 -19.96 32.41
N LEU D 64 12.12 -19.01 32.32
CA LEU D 64 11.06 -18.85 33.30
C LEU D 64 9.80 -19.61 32.85
N GLN D 65 9.72 -19.87 31.54
CA GLN D 65 8.59 -20.60 30.94
C GLN D 65 8.46 -22.00 31.51
N LYS D 66 9.60 -22.70 31.63
CA LYS D 66 9.64 -24.06 32.16
C LYS D 66 9.23 -24.09 33.64
N ALA D 67 9.68 -23.10 34.40
CA ALA D 67 9.40 -23.02 35.83
C ALA D 67 7.94 -22.69 36.13
N ALA D 68 7.36 -21.79 35.33
CA ALA D 68 5.98 -21.35 35.51
C ALA D 68 4.97 -22.44 35.10
N LYS D 69 5.28 -23.16 34.02
CA LYS D 69 4.43 -24.25 33.55
C LYS D 69 4.46 -25.46 34.49
N ALA D 70 5.61 -25.69 35.12
CA ALA D 70 5.75 -26.74 36.12
C ALA D 70 5.07 -26.35 37.44
N GLY D 71 5.21 -25.07 37.80
CA GLY D 71 4.59 -24.53 39.00
C GLY D 71 3.08 -24.50 38.94
N LEU D 72 2.54 -24.30 37.74
CA LEU D 72 1.10 -24.33 37.50
C LEU D 72 0.56 -25.76 37.53
N LEU D 73 1.30 -26.70 36.93
CA LEU D 73 0.93 -28.11 36.92
C LEU D 73 0.89 -28.69 38.33
N ALA D 74 1.82 -28.25 39.17
CA ALA D 74 1.88 -28.64 40.57
C ALA D 74 0.66 -28.14 41.35
N LEU D 75 0.28 -26.90 41.07
CA LEU D 75 -0.87 -26.27 41.72
C LEU D 75 -2.18 -26.93 41.27
N SER D 76 -2.28 -27.23 39.97
CA SER D 76 -3.46 -27.87 39.39
C SER D 76 -3.66 -29.30 39.90
N ALA D 77 -2.54 -30.00 40.11
CA ALA D 77 -2.57 -31.36 40.66
C ALA D 77 -3.08 -31.36 42.10
N PHE D 78 -2.60 -30.39 42.88
CA PHE D 78 -3.04 -30.22 44.27
C PHE D 78 -4.48 -29.75 44.38
N THR D 79 -4.93 -28.97 43.40
CA THR D 79 -6.30 -28.46 43.37
C THR D 79 -7.31 -29.57 43.08
N PHE D 80 -7.03 -30.38 42.06
CA PHE D 80 -7.92 -31.49 41.68
C PHE D 80 -7.98 -32.57 42.76
N ALA D 81 -6.84 -32.87 43.39
CA ALA D 81 -6.78 -33.84 44.47
C ALA D 81 -7.47 -33.34 45.73
N GLY D 82 -7.29 -32.05 46.02
CA GLY D 82 -7.92 -31.41 47.17
C GLY D 82 -9.44 -31.37 47.05
N LEU D 83 -9.92 -31.12 45.85
CA LEU D 83 -11.37 -31.10 45.56
C LEU D 83 -11.96 -32.51 45.61
N CYS D 84 -11.22 -33.50 45.11
CA CYS D 84 -11.63 -34.89 45.18
C CYS D 84 -11.68 -35.38 46.62
N TYR D 85 -10.74 -34.90 47.44
CA TYR D 85 -10.72 -35.18 48.88
C TYR D 85 -11.96 -34.59 49.55
N PHE D 86 -12.36 -33.41 49.10
CA PHE D 86 -13.53 -32.72 49.64
C PHE D 86 -14.83 -33.43 49.26
N ASN D 87 -14.86 -34.03 48.07
CA ASN D 87 -16.02 -34.77 47.61
C ASN D 87 -16.18 -36.13 48.27
N TYR D 88 -15.06 -36.68 48.73
CA TYR D 88 -15.02 -38.02 49.33
C TYR D 88 -15.10 -37.99 50.85
N HIS D 89 -14.37 -37.06 51.47
CA HIS D 89 -14.26 -37.00 52.93
C HIS D 89 -15.06 -35.86 53.57
N ASP D 90 -15.80 -35.13 52.75
CA ASP D 90 -16.66 -34.04 53.24
C ASP D 90 -17.99 -34.03 52.49
N VAL D 91 -18.77 -32.97 52.68
CA VAL D 91 -20.13 -32.87 52.12
C VAL D 91 -20.21 -32.82 50.59
N GLY D 92 -19.11 -32.43 49.95
CA GLY D 92 -19.08 -32.29 48.50
C GLY D 92 -19.31 -30.84 48.09
N ILE D 93 -18.82 -30.48 46.91
CA ILE D 93 -18.86 -29.08 46.44
C ILE D 93 -20.27 -28.56 46.12
N CYS D 94 -21.21 -29.46 45.84
CA CYS D 94 -22.61 -29.07 45.63
C CYS D 94 -23.28 -28.71 46.95
N LYS D 95 -23.06 -29.54 47.97
CA LYS D 95 -23.60 -29.30 49.30
C LYS D 95 -22.87 -28.15 50.00
N ALA D 96 -21.63 -27.90 49.60
CA ALA D 96 -20.83 -26.80 50.14
C ALA D 96 -21.42 -25.43 49.79
N VAL D 97 -21.88 -25.29 48.55
CA VAL D 97 -22.52 -24.05 48.09
C VAL D 97 -23.89 -23.88 48.74
N ALA D 98 -24.65 -24.97 48.79
CA ALA D 98 -26.01 -24.97 49.36
C ALA D 98 -26.04 -24.47 50.81
N MET D 99 -25.07 -24.89 51.60
CA MET D 99 -24.95 -24.47 53.00
C MET D 99 -24.43 -23.04 53.12
N LEU D 100 -23.51 -22.67 52.24
CA LEU D 100 -22.88 -21.35 52.24
C LEU D 100 -23.84 -20.25 51.80
N TRP D 101 -24.73 -20.57 50.87
CA TRP D 101 -25.60 -19.56 50.26
C TRP D 101 -26.81 -19.20 51.11
N LYS D 102 -27.21 -20.11 52.00
CA LYS D 102 -28.32 -19.85 52.92
C LYS D 102 -27.83 -19.37 54.29
N LEU D 103 -26.55 -19.02 54.37
CA LEU D 103 -25.93 -18.52 55.59
C LEU D 103 -26.35 -17.07 55.86
#